data_4KBJ
#
_entry.id   4KBJ
#
_cell.length_a   53.183
_cell.length_b   123.911
_cell.length_c   135.632
_cell.angle_alpha   90.00
_cell.angle_beta   90.00
_cell.angle_gamma   90.00
#
_symmetry.space_group_name_H-M   'P 21 21 21'
#
loop_
_entity.id
_entity.type
_entity.pdbx_description
1 polymer 'DNA-directed RNA polymerase subunit beta'
2 water water
#
_entity_poly.entity_id   1
_entity_poly.type   'polypeptide(L)'
_entity_poly.pdbx_seq_one_letter_code
;MGSSHHHHHHSSGLVPRGSHMMLLDVQTDSFEWLIGSPRWRESAAERGDVNPVGGLEEVLYELSPIEDFSGSMSLSFSDP
RFDDVKAPVDECKDKDMTYAAPLFVTAEFINNNTGEIKSQTVFMGDFPMMTEKGTFIINGTERVVVSQLVRSPGVYFDET
IDKSTDKTLHSVKVIPSRGAWLEFDVDKRDTVGVRIDRKRRQPVTVLLKALGWTSEQIVERFGFSEIMRSTLEKDNTVGT
DEALLDIYRKLRPGEPPTKESAQTLLENLFFKEKRYDLARVGRYKVNKKLGLHVGEPITSSTLTEEDVVATIEYLVRLHE
GQTTMTVPGGVEVPVETDDIDHFGNRRLRTVGELIQNQIRVGMSRMERVVRERMTTQDVEAITPQTLINIRPVVAAIKEF
FGTSQLSQF
;
_entity_poly.pdbx_strand_id   A,B
#
# COMPACT_ATOMS: atom_id res chain seq x y z
N PRO A 16 0.68 1.43 -4.48
CA PRO A 16 -0.58 1.40 -3.74
C PRO A 16 -0.38 1.82 -2.28
N ARG A 17 -1.00 2.93 -1.89
CA ARG A 17 -0.85 3.46 -0.54
C ARG A 17 -2.17 3.97 0.04
N GLY A 18 -3.28 3.40 -0.42
CA GLY A 18 -4.58 3.78 0.09
C GLY A 18 -4.84 3.25 1.49
N SER A 19 -5.76 3.91 2.21
CA SER A 19 -6.16 3.44 3.52
C SER A 19 -6.87 2.09 3.40
N HIS A 20 -6.93 1.35 4.50
CA HIS A 20 -7.66 0.09 4.53
C HIS A 20 -9.11 0.38 4.89
N MET A 21 -9.33 1.53 5.51
CA MET A 21 -10.66 1.92 5.97
C MET A 21 -10.76 3.44 6.10
N MET A 22 -11.90 3.98 5.67
CA MET A 22 -12.16 5.40 5.81
C MET A 22 -13.38 5.65 6.66
N LEU A 23 -13.40 6.79 7.35
CA LEU A 23 -14.60 7.25 8.02
C LEU A 23 -15.29 8.23 7.08
N LEU A 24 -16.53 7.91 6.70
CA LEU A 24 -17.24 8.68 5.68
C LEU A 24 -17.38 10.18 5.99
N ASP A 25 -17.64 10.50 7.25
CA ASP A 25 -17.85 11.89 7.65
C ASP A 25 -16.57 12.72 7.55
N VAL A 26 -15.43 12.07 7.65
CA VAL A 26 -14.14 12.75 7.50
C VAL A 26 -13.93 13.15 6.04
N GLN A 27 -14.25 12.23 5.14
CA GLN A 27 -14.05 12.47 3.71
C GLN A 27 -15.04 13.48 3.15
N THR A 28 -16.30 13.42 3.61
CA THR A 28 -17.31 14.37 3.15
C THR A 28 -16.99 15.78 3.68
N ASP A 29 -16.50 15.85 4.91
CA ASP A 29 -16.10 17.13 5.47
C ASP A 29 -14.90 17.73 4.72
N SER A 30 -13.97 16.87 4.31
CA SER A 30 -12.80 17.34 3.59
C SER A 30 -13.21 17.90 2.23
N PHE A 31 -14.28 17.36 1.66
CA PHE A 31 -14.79 17.89 0.40
C PHE A 31 -15.52 19.20 0.59
N GLU A 32 -16.23 19.33 1.71
CA GLU A 32 -16.88 20.59 2.06
C GLU A 32 -15.81 21.66 2.27
N TRP A 33 -14.71 21.24 2.87
CA TRP A 33 -13.57 22.14 3.10
C TRP A 33 -12.97 22.60 1.79
N LEU A 34 -12.82 21.66 0.86
CA LEU A 34 -12.26 21.93 -0.46
C LEU A 34 -13.03 23.05 -1.17
N ILE A 35 -14.34 22.91 -1.21
CA ILE A 35 -15.18 23.85 -1.94
C ILE A 35 -15.63 25.03 -1.08
N GLY A 36 -15.12 25.09 0.16
CA GLY A 36 -15.42 26.17 1.07
C GLY A 36 -16.90 26.41 1.29
N SER A 37 -17.64 25.34 1.51
CA SER A 37 -19.09 25.43 1.68
C SER A 37 -19.45 26.11 2.99
N PRO A 38 -20.68 26.65 3.09
CA PRO A 38 -21.15 27.23 4.35
C PRO A 38 -21.19 26.19 5.47
N ARG A 39 -21.48 24.94 5.12
CA ARG A 39 -21.49 23.86 6.09
C ARG A 39 -20.12 23.71 6.76
N TRP A 40 -19.06 23.81 5.96
CA TRP A 40 -17.71 23.75 6.48
C TRP A 40 -17.37 24.99 7.32
N ARG A 41 -17.73 26.15 6.81
CA ARG A 41 -17.45 27.43 7.49
C ARG A 41 -18.09 27.45 8.87
N GLU A 42 -19.27 26.84 9.00
CA GLU A 42 -19.91 26.67 10.28
C GLU A 42 -19.12 25.70 11.14
N SER A 43 -18.95 24.49 10.62
CA SER A 43 -18.21 23.43 11.31
C SER A 43 -16.83 23.87 11.78
N ALA A 44 -16.19 24.72 11.00
CA ALA A 44 -14.86 25.22 11.33
C ALA A 44 -14.92 26.39 12.32
N ALA A 45 -16.12 26.89 12.58
CA ALA A 45 -16.29 27.98 13.53
C ALA A 45 -16.48 27.44 14.94
N GLU A 46 -17.31 26.42 15.07
CA GLU A 46 -17.58 25.82 16.37
C GLU A 46 -16.37 25.05 16.90
N ARG A 47 -15.46 24.69 16.00
CA ARG A 47 -14.27 23.95 16.40
C ARG A 47 -13.17 24.93 16.83
N GLY A 48 -13.42 26.21 16.64
CA GLY A 48 -12.51 27.24 17.10
C GLY A 48 -11.41 27.63 16.11
N ASP A 49 -11.51 27.14 14.88
CA ASP A 49 -10.60 27.57 13.82
C ASP A 49 -10.85 29.06 13.53
N VAL A 50 -9.84 29.89 13.76
CA VAL A 50 -9.98 31.33 13.53
C VAL A 50 -9.50 31.72 12.13
N ASN A 51 -10.31 32.50 11.42
CA ASN A 51 -10.06 32.82 10.00
C ASN A 51 -9.86 31.58 9.12
N PRO A 52 -10.96 30.89 8.80
CA PRO A 52 -10.91 29.65 8.02
C PRO A 52 -10.73 29.92 6.53
N VAL A 53 -9.91 29.09 5.89
CA VAL A 53 -9.66 29.21 4.46
C VAL A 53 -9.95 27.89 3.76
N GLY A 54 -10.77 27.93 2.72
CA GLY A 54 -11.14 26.74 1.98
C GLY A 54 -10.00 26.17 1.16
N GLY A 55 -10.22 24.98 0.61
CA GLY A 55 -9.21 24.30 -0.17
C GLY A 55 -8.85 25.00 -1.47
N LEU A 56 -9.86 25.29 -2.27
CA LEU A 56 -9.66 26.01 -3.52
C LEU A 56 -9.21 27.43 -3.25
N GLU A 57 -9.77 28.01 -2.20
CA GLU A 57 -9.44 29.37 -1.76
C GLU A 57 -7.96 29.46 -1.44
N GLU A 58 -7.44 28.43 -0.78
CA GLU A 58 -6.04 28.36 -0.40
C GLU A 58 -5.13 28.37 -1.62
N VAL A 59 -5.48 27.56 -2.62
CA VAL A 59 -4.70 27.47 -3.85
C VAL A 59 -4.63 28.79 -4.60
N LEU A 60 -5.76 29.47 -4.71
CA LEU A 60 -5.81 30.76 -5.38
C LEU A 60 -4.90 31.78 -4.71
N TYR A 61 -4.78 31.70 -3.39
CA TYR A 61 -3.94 32.61 -2.63
C TYR A 61 -2.46 32.30 -2.88
N GLU A 62 -2.13 31.02 -2.97
CA GLU A 62 -0.75 30.59 -3.20
C GLU A 62 -0.20 31.12 -4.51
N LEU A 63 -1.06 31.31 -5.51
CA LEU A 63 -0.61 31.74 -6.83
C LEU A 63 -0.91 33.22 -7.11
N SER A 64 -1.55 33.89 -6.16
CA SER A 64 -1.83 35.32 -6.30
C SER A 64 -0.82 36.16 -5.52
N PRO A 65 -0.32 37.23 -6.16
CA PRO A 65 -0.67 37.58 -7.53
C PRO A 65 0.33 37.02 -8.53
N ILE A 66 -0.09 36.87 -9.78
CA ILE A 66 0.82 36.53 -10.86
C ILE A 66 1.35 37.82 -11.46
N GLU A 67 2.63 38.10 -11.23
CA GLU A 67 3.24 39.32 -11.75
C GLU A 67 4.23 39.01 -12.86
N ASP A 68 4.28 39.87 -13.87
CA ASP A 68 5.25 39.71 -14.95
C ASP A 68 6.65 39.99 -14.42
N PHE A 69 7.66 39.68 -15.23
CA PHE A 69 9.05 39.82 -14.80
C PHE A 69 9.41 41.24 -14.42
N SER A 70 8.91 42.21 -15.19
CA SER A 70 9.27 43.61 -15.01
C SER A 70 8.55 44.26 -13.82
N GLY A 71 7.45 43.65 -13.38
CA GLY A 71 6.67 44.18 -12.28
C GLY A 71 5.71 45.27 -12.70
N SER A 72 5.32 45.23 -13.97
CA SER A 72 4.48 46.28 -14.54
C SER A 72 2.99 45.91 -14.54
N MET A 73 2.70 44.64 -14.31
CA MET A 73 1.32 44.18 -14.28
C MET A 73 1.14 42.95 -13.38
N SER A 74 -0.09 42.72 -12.94
CA SER A 74 -0.37 41.59 -12.07
C SER A 74 -1.78 41.04 -12.30
N LEU A 75 -1.95 39.76 -11.98
CA LEU A 75 -3.25 39.10 -12.06
C LEU A 75 -3.49 38.29 -10.79
N SER A 76 -4.61 38.54 -10.13
CA SER A 76 -4.91 37.86 -8.87
C SER A 76 -6.29 37.20 -8.89
N PHE A 77 -6.40 36.09 -8.18
CA PHE A 77 -7.63 35.30 -8.16
C PHE A 77 -8.27 35.31 -6.77
N SER A 78 -9.60 35.23 -6.75
CA SER A 78 -10.33 35.19 -5.48
C SER A 78 -11.75 34.65 -5.66
N ASP A 79 -12.43 34.45 -4.55
CA ASP A 79 -13.85 34.12 -4.51
C ASP A 79 -14.24 32.89 -5.34
N PRO A 80 -13.70 31.71 -5.00
CA PRO A 80 -14.11 30.52 -5.74
C PRO A 80 -15.53 30.11 -5.37
N ARG A 81 -16.38 29.92 -6.36
CA ARG A 81 -17.80 29.67 -6.11
C ARG A 81 -18.42 28.80 -7.20
N PHE A 82 -19.55 28.17 -6.87
CA PHE A 82 -20.22 27.26 -7.79
C PHE A 82 -21.66 27.66 -8.02
N ASP A 83 -22.18 27.36 -9.21
CA ASP A 83 -23.61 27.44 -9.47
C ASP A 83 -24.26 26.13 -9.03
N ASP A 84 -25.52 25.94 -9.40
CA ASP A 84 -26.19 24.68 -9.15
C ASP A 84 -25.61 23.61 -10.08
N VAL A 85 -25.68 22.36 -9.66
CA VAL A 85 -25.19 21.25 -10.48
C VAL A 85 -26.03 21.12 -11.75
N LYS A 86 -25.42 20.55 -12.78
CA LYS A 86 -26.08 20.41 -14.07
C LYS A 86 -27.28 19.48 -13.99
N ALA A 87 -27.01 18.18 -13.87
CA ALA A 87 -28.06 17.19 -13.71
C ALA A 87 -27.94 16.53 -12.34
N PRO A 88 -29.07 16.11 -11.76
CA PRO A 88 -29.04 15.38 -10.48
C PRO A 88 -28.32 14.05 -10.61
N VAL A 89 -28.11 13.37 -9.48
CA VAL A 89 -27.35 12.13 -9.44
C VAL A 89 -27.93 11.05 -10.34
N ASP A 90 -29.23 10.80 -10.21
CA ASP A 90 -29.93 9.79 -11.00
C ASP A 90 -29.83 10.05 -12.50
N GLU A 91 -30.04 11.30 -12.89
CA GLU A 91 -30.00 11.69 -14.29
C GLU A 91 -28.60 11.47 -14.89
N CYS A 92 -27.58 11.69 -14.07
CA CYS A 92 -26.20 11.52 -14.50
C CYS A 92 -25.83 10.03 -14.65
N LYS A 93 -26.50 9.19 -13.88
CA LYS A 93 -26.26 7.74 -13.94
C LYS A 93 -26.92 7.13 -15.17
N ASP A 94 -28.07 7.69 -15.56
CA ASP A 94 -28.85 7.15 -16.65
C ASP A 94 -28.34 7.58 -18.02
N LYS A 95 -27.71 8.76 -18.08
CA LYS A 95 -27.26 9.32 -19.34
C LYS A 95 -25.74 9.29 -19.52
N ASP A 96 -25.06 8.56 -18.63
CA ASP A 96 -23.60 8.51 -18.62
C ASP A 96 -22.98 9.89 -18.48
N MET A 97 -23.58 10.72 -17.64
CA MET A 97 -23.13 12.08 -17.43
C MET A 97 -22.30 12.18 -16.15
N THR A 98 -21.33 13.09 -16.15
CA THR A 98 -20.55 13.35 -14.94
C THR A 98 -21.28 14.34 -14.04
N TYR A 99 -21.52 13.92 -12.80
CA TYR A 99 -22.19 14.76 -11.82
C TYR A 99 -21.25 15.88 -11.36
N ALA A 100 -21.50 17.09 -11.86
CA ALA A 100 -20.57 18.19 -11.64
C ALA A 100 -21.27 19.53 -11.47
N ALA A 101 -20.48 20.54 -11.09
CA ALA A 101 -20.97 21.90 -10.95
C ALA A 101 -19.93 22.87 -11.49
N PRO A 102 -20.36 23.85 -12.30
CA PRO A 102 -19.44 24.83 -12.89
C PRO A 102 -18.75 25.67 -11.83
N LEU A 103 -17.44 25.84 -11.97
CA LEU A 103 -16.66 26.64 -11.05
C LEU A 103 -16.34 28.02 -11.63
N PHE A 104 -16.55 29.06 -10.83
CA PHE A 104 -16.21 30.41 -11.23
C PHE A 104 -15.31 31.08 -10.20
N VAL A 105 -14.34 31.84 -10.68
CA VAL A 105 -13.49 32.63 -9.79
C VAL A 105 -13.53 34.09 -10.21
N THR A 106 -13.16 34.98 -9.29
CA THR A 106 -12.97 36.38 -9.62
C THR A 106 -11.49 36.62 -9.90
N ALA A 107 -11.19 37.15 -11.07
CA ALA A 107 -9.82 37.39 -11.48
C ALA A 107 -9.67 38.84 -11.90
N GLU A 108 -8.80 39.58 -11.22
CA GLU A 108 -8.58 40.98 -11.57
C GLU A 108 -7.16 41.29 -12.06
N PHE A 109 -7.08 42.05 -13.14
CA PHE A 109 -5.80 42.43 -13.73
C PHE A 109 -5.47 43.88 -13.38
N ILE A 110 -4.28 44.09 -12.83
CA ILE A 110 -3.84 45.44 -12.50
C ILE A 110 -2.71 45.89 -13.42
N ASN A 111 -2.88 47.06 -14.03
CA ASN A 111 -1.82 47.71 -14.77
C ASN A 111 -1.11 48.66 -13.81
N ASN A 112 0.12 48.32 -13.42
CA ASN A 112 0.86 49.11 -12.45
C ASN A 112 1.38 50.44 -13.02
N ASN A 113 1.42 50.55 -14.34
CA ASN A 113 1.81 51.80 -14.98
C ASN A 113 0.72 52.87 -14.88
N THR A 114 -0.53 52.46 -15.11
CA THR A 114 -1.64 53.40 -15.16
C THR A 114 -2.54 53.30 -13.92
N GLY A 115 -2.41 52.21 -13.18
CA GLY A 115 -3.21 52.00 -12.00
C GLY A 115 -4.60 51.49 -12.30
N GLU A 116 -4.84 51.15 -13.56
CA GLU A 116 -6.14 50.64 -13.99
C GLU A 116 -6.39 49.21 -13.49
N ILE A 117 -7.63 48.93 -13.11
CA ILE A 117 -8.01 47.60 -12.65
C ILE A 117 -9.10 47.00 -13.53
N LYS A 118 -8.90 45.76 -13.98
CA LYS A 118 -9.89 45.06 -14.77
C LYS A 118 -10.29 43.75 -14.11
N SER A 119 -11.44 43.74 -13.44
CA SER A 119 -11.92 42.56 -12.74
C SER A 119 -13.01 41.83 -13.51
N GLN A 120 -12.88 40.51 -13.62
CA GLN A 120 -13.85 39.69 -14.33
C GLN A 120 -14.15 38.39 -13.59
N THR A 121 -15.35 37.86 -13.80
CA THR A 121 -15.69 36.53 -13.34
C THR A 121 -15.28 35.53 -14.41
N VAL A 122 -14.46 34.55 -14.02
CA VAL A 122 -13.90 33.59 -14.97
C VAL A 122 -14.38 32.17 -14.69
N PHE A 123 -14.78 31.46 -15.75
CA PHE A 123 -15.18 30.07 -15.66
C PHE A 123 -13.97 29.16 -15.68
N MET A 124 -13.84 28.30 -14.68
CA MET A 124 -12.65 27.46 -14.56
C MET A 124 -12.90 25.99 -14.94
N GLY A 125 -14.14 25.65 -15.25
CA GLY A 125 -14.46 24.30 -15.67
C GLY A 125 -15.50 23.60 -14.81
N ASP A 126 -15.95 22.44 -15.25
CA ASP A 126 -16.90 21.64 -14.50
C ASP A 126 -16.19 20.84 -13.41
N PHE A 127 -16.69 20.96 -12.19
CA PHE A 127 -16.05 20.35 -11.03
C PHE A 127 -16.91 19.19 -10.51
N PRO A 128 -16.38 17.95 -10.64
CA PRO A 128 -17.09 16.77 -10.13
C PRO A 128 -17.40 16.91 -8.65
N MET A 129 -18.66 16.71 -8.28
CA MET A 129 -19.08 16.89 -6.89
C MET A 129 -19.24 15.56 -6.17
N MET A 130 -18.92 15.55 -4.89
CA MET A 130 -19.05 14.35 -4.07
C MET A 130 -20.49 14.19 -3.61
N THR A 131 -21.02 12.98 -3.73
CA THR A 131 -22.39 12.68 -3.33
C THR A 131 -22.48 12.47 -1.82
N GLU A 132 -23.65 12.03 -1.37
CA GLU A 132 -23.87 11.75 0.05
C GLU A 132 -23.17 10.45 0.45
N LYS A 133 -22.91 9.59 -0.53
CA LYS A 133 -22.24 8.32 -0.29
C LYS A 133 -20.72 8.47 -0.30
N GLY A 134 -20.26 9.71 -0.42
CA GLY A 134 -18.83 9.98 -0.49
C GLY A 134 -18.24 9.60 -1.82
N THR A 135 -19.09 9.52 -2.85
CA THR A 135 -18.65 9.07 -4.17
C THR A 135 -18.80 10.15 -5.24
N PHE A 136 -18.30 9.85 -6.43
CA PHE A 136 -18.39 10.73 -7.58
C PHE A 136 -19.00 9.96 -8.74
N ILE A 137 -19.86 10.62 -9.51
CA ILE A 137 -20.41 10.01 -10.71
C ILE A 137 -19.64 10.53 -11.92
N ILE A 138 -18.81 9.67 -12.50
CA ILE A 138 -18.00 10.03 -13.64
C ILE A 138 -18.42 9.21 -14.85
N ASN A 139 -19.04 9.87 -15.83
CA ASN A 139 -19.55 9.21 -17.02
C ASN A 139 -20.54 8.09 -16.70
N GLY A 140 -21.34 8.32 -15.66
CA GLY A 140 -22.39 7.38 -15.28
C GLY A 140 -21.98 6.38 -14.21
N THR A 141 -20.68 6.20 -14.01
CA THR A 141 -20.18 5.22 -13.05
C THR A 141 -19.86 5.85 -11.70
N GLU A 142 -20.30 5.20 -10.63
CA GLU A 142 -20.08 5.69 -9.27
C GLU A 142 -18.73 5.20 -8.73
N ARG A 143 -17.90 6.13 -8.26
CA ARG A 143 -16.52 5.82 -7.87
C ARG A 143 -16.14 6.38 -6.50
N VAL A 144 -15.30 5.64 -5.78
CA VAL A 144 -14.83 6.07 -4.47
C VAL A 144 -13.35 6.44 -4.51
N VAL A 145 -13.04 7.71 -4.26
CA VAL A 145 -11.65 8.13 -4.13
C VAL A 145 -11.17 7.82 -2.70
N VAL A 146 -10.00 7.21 -2.59
CA VAL A 146 -9.52 6.75 -1.30
C VAL A 146 -8.39 7.63 -0.75
N SER A 147 -8.50 7.98 0.52
CA SER A 147 -7.45 8.71 1.23
C SER A 147 -6.15 7.91 1.25
N GLN A 148 -5.02 8.60 1.21
CA GLN A 148 -3.73 7.93 1.11
C GLN A 148 -2.83 8.21 2.30
N LEU A 149 -1.97 7.24 2.61
CA LEU A 149 -0.94 7.41 3.63
C LEU A 149 0.38 7.75 2.96
N VAL A 150 0.83 8.99 3.12
CA VAL A 150 2.06 9.45 2.50
C VAL A 150 3.12 9.68 3.56
N ARG A 151 4.37 9.82 3.12
CA ARG A 151 5.48 10.07 4.04
C ARG A 151 5.34 11.46 4.65
N SER A 152 5.45 11.51 5.98
CA SER A 152 5.37 12.77 6.71
C SER A 152 6.64 13.59 6.47
N PRO A 153 6.54 14.92 6.62
CA PRO A 153 7.69 15.82 6.44
C PRO A 153 8.93 15.44 7.24
N GLY A 154 10.11 15.77 6.71
CA GLY A 154 11.36 15.49 7.37
C GLY A 154 12.48 15.17 6.40
N VAL A 155 13.63 14.75 6.93
CA VAL A 155 14.77 14.37 6.11
C VAL A 155 15.20 12.94 6.45
N TYR A 156 15.15 12.05 5.46
CA TYR A 156 15.31 10.63 5.71
C TYR A 156 16.51 9.99 5.00
N PHE A 157 17.46 9.48 5.78
CA PHE A 157 18.63 8.80 5.24
C PHE A 157 18.46 7.28 5.34
N ASP A 158 18.84 6.57 4.28
CA ASP A 158 18.80 5.11 4.30
C ASP A 158 20.06 4.48 3.70
N GLU A 159 20.17 3.18 3.85
CA GLU A 159 21.35 2.44 3.41
C GLU A 159 20.95 1.31 2.47
N THR A 160 21.71 1.14 1.39
CA THR A 160 21.44 0.07 0.43
C THR A 160 22.72 -0.64 -0.03
N ILE A 161 22.56 -1.86 -0.51
CA ILE A 161 23.67 -2.63 -1.06
C ILE A 161 23.48 -2.85 -2.54
N ASP A 162 24.46 -2.40 -3.33
CA ASP A 162 24.43 -2.61 -4.78
C ASP A 162 24.73 -4.08 -5.08
N LYS A 163 23.94 -4.69 -5.95
CA LYS A 163 24.11 -6.09 -6.29
C LYS A 163 25.39 -6.32 -7.06
N SER A 164 25.70 -5.41 -7.99
CA SER A 164 26.80 -5.59 -8.92
C SER A 164 28.19 -5.32 -8.34
N THR A 165 28.25 -4.73 -7.15
CA THR A 165 29.54 -4.38 -6.54
C THR A 165 29.65 -4.74 -5.07
N ASP A 166 28.51 -5.09 -4.46
CA ASP A 166 28.43 -5.30 -3.01
C ASP A 166 28.85 -4.03 -2.27
N LYS A 167 28.62 -2.88 -2.91
CA LYS A 167 28.97 -1.59 -2.33
C LYS A 167 27.83 -1.04 -1.49
N THR A 168 28.17 -0.42 -0.37
CA THR A 168 27.19 0.24 0.47
C THR A 168 26.82 1.59 -0.13
N LEU A 169 25.55 1.76 -0.45
CA LEU A 169 25.08 3.01 -1.03
C LEU A 169 24.17 3.73 -0.04
N HIS A 170 24.25 5.05 -0.02
CA HIS A 170 23.42 5.85 0.86
C HIS A 170 22.60 6.87 0.07
N SER A 171 21.39 7.12 0.53
CA SER A 171 20.50 8.07 -0.13
C SER A 171 19.74 8.88 0.91
N VAL A 172 19.27 10.06 0.51
CA VAL A 172 18.49 10.90 1.39
C VAL A 172 17.34 11.58 0.65
N LYS A 173 16.17 11.61 1.27
CA LYS A 173 15.03 12.32 0.71
C LYS A 173 14.56 13.41 1.65
N VAL A 174 14.52 14.64 1.17
CA VAL A 174 13.93 15.74 1.92
C VAL A 174 12.49 15.88 1.48
N ILE A 175 11.57 15.46 2.36
CA ILE A 175 10.14 15.50 2.03
C ILE A 175 9.45 16.63 2.75
N PRO A 176 8.82 17.54 1.99
CA PRO A 176 8.05 18.64 2.58
C PRO A 176 6.61 18.23 2.81
N SER A 177 5.86 19.06 3.53
CA SER A 177 4.43 18.86 3.66
C SER A 177 3.79 19.19 2.32
N ARG A 178 4.30 20.24 1.68
CA ARG A 178 3.80 20.68 0.38
C ARG A 178 4.93 21.21 -0.49
N GLY A 179 5.13 20.59 -1.65
CA GLY A 179 6.13 21.08 -2.58
C GLY A 179 7.01 20.02 -3.21
N ALA A 180 8.09 20.47 -3.84
CA ALA A 180 8.98 19.60 -4.59
C ALA A 180 9.90 18.78 -3.69
N TRP A 181 10.18 17.54 -4.10
CA TRP A 181 11.11 16.69 -3.39
C TRP A 181 12.55 17.06 -3.69
N LEU A 182 13.45 16.57 -2.85
CA LEU A 182 14.89 16.79 -3.03
C LEU A 182 15.61 15.54 -2.58
N GLU A 183 16.33 14.90 -3.49
CA GLU A 183 17.01 13.64 -3.18
C GLU A 183 18.49 13.71 -3.51
N PHE A 184 19.32 13.21 -2.61
CA PHE A 184 20.75 13.07 -2.87
C PHE A 184 21.11 11.60 -2.66
N ASP A 185 22.13 11.14 -3.36
CA ASP A 185 22.55 9.75 -3.24
C ASP A 185 23.99 9.55 -3.66
N VAL A 186 24.61 8.50 -3.11
CA VAL A 186 25.93 8.07 -3.51
C VAL A 186 25.77 6.80 -4.33
N ASP A 187 26.17 6.84 -5.60
CA ASP A 187 26.03 5.66 -6.45
C ASP A 187 27.24 4.74 -6.35
N LYS A 188 27.26 3.70 -7.19
CA LYS A 188 28.32 2.71 -7.17
C LYS A 188 29.56 3.18 -7.95
N ARG A 189 29.44 4.33 -8.59
CA ARG A 189 30.58 4.94 -9.27
C ARG A 189 31.19 6.01 -8.38
N ASP A 190 30.77 6.00 -7.12
CA ASP A 190 31.28 6.92 -6.09
C ASP A 190 31.05 8.38 -6.43
N THR A 191 29.96 8.66 -7.12
CA THR A 191 29.57 10.03 -7.41
C THR A 191 28.37 10.41 -6.54
N VAL A 192 28.35 11.65 -6.07
CA VAL A 192 27.21 12.15 -5.31
C VAL A 192 26.30 12.92 -6.24
N GLY A 193 25.05 12.47 -6.36
CA GLY A 193 24.11 13.09 -7.28
C GLY A 193 22.92 13.71 -6.59
N VAL A 194 22.15 14.48 -7.35
CA VAL A 194 20.94 15.11 -6.84
C VAL A 194 19.76 14.93 -7.80
N ARG A 195 18.58 14.67 -7.26
CA ARG A 195 17.35 14.67 -8.05
C ARG A 195 16.41 15.75 -7.53
N ILE A 196 16.05 16.68 -8.41
CA ILE A 196 15.17 17.79 -8.05
C ILE A 196 13.79 17.60 -8.65
N ASP A 197 12.76 17.63 -7.81
CA ASP A 197 11.38 17.43 -8.22
C ASP A 197 11.22 16.09 -8.94
N ARG A 198 11.95 15.09 -8.45
CA ARG A 198 11.98 13.74 -9.03
C ARG A 198 12.42 13.71 -10.50
N LYS A 199 13.17 14.72 -10.93
CA LYS A 199 13.71 14.73 -12.28
C LYS A 199 15.00 13.92 -12.35
N ARG A 200 15.74 14.07 -13.45
CA ARG A 200 16.92 13.26 -13.68
C ARG A 200 18.11 13.67 -12.82
N ARG A 201 19.03 12.72 -12.61
CA ARG A 201 20.17 12.90 -11.73
C ARG A 201 21.22 13.85 -12.31
N GLN A 202 21.76 14.71 -11.46
CA GLN A 202 22.88 15.57 -11.82
C GLN A 202 23.90 15.46 -10.69
N PRO A 203 25.19 15.66 -10.98
CA PRO A 203 26.17 15.71 -9.89
C PRO A 203 25.81 16.81 -8.90
N VAL A 204 26.00 16.56 -7.61
CA VAL A 204 25.53 17.44 -6.55
C VAL A 204 26.25 18.80 -6.59
N THR A 205 27.43 18.82 -7.20
CA THR A 205 28.21 20.04 -7.30
C THR A 205 27.52 21.08 -8.18
N VAL A 206 26.65 20.62 -9.08
CA VAL A 206 25.89 21.52 -9.94
C VAL A 206 24.93 22.35 -9.10
N LEU A 207 24.26 21.71 -8.14
CA LEU A 207 23.36 22.41 -7.24
C LEU A 207 24.10 23.42 -6.37
N LEU A 208 25.28 23.02 -5.87
CA LEU A 208 26.11 23.91 -5.06
C LEU A 208 26.54 25.13 -5.87
N LYS A 209 27.04 24.90 -7.08
CA LYS A 209 27.44 25.98 -7.96
C LYS A 209 26.27 26.90 -8.29
N ALA A 210 25.10 26.31 -8.52
CA ALA A 210 23.90 27.07 -8.85
C ALA A 210 23.47 27.97 -7.70
N LEU A 211 23.84 27.59 -6.48
CA LEU A 211 23.50 28.37 -5.29
C LEU A 211 24.56 29.42 -4.99
N GLY A 212 25.56 29.52 -5.85
CA GLY A 212 26.59 30.54 -5.74
C GLY A 212 27.91 30.06 -5.14
N TRP A 213 28.02 28.75 -4.92
CA TRP A 213 29.27 28.18 -4.42
C TRP A 213 30.31 28.10 -5.53
N THR A 214 31.55 28.45 -5.19
CA THR A 214 32.67 28.29 -6.11
C THR A 214 33.35 26.96 -5.81
N SER A 215 34.24 26.52 -6.70
CA SER A 215 34.95 25.26 -6.50
C SER A 215 35.79 25.30 -5.23
N GLU A 216 36.39 26.46 -4.95
CA GLU A 216 37.22 26.63 -3.76
C GLU A 216 36.38 26.48 -2.49
N GLN A 217 35.20 27.09 -2.49
CA GLN A 217 34.28 26.97 -1.36
C GLN A 217 33.79 25.54 -1.17
N ILE A 218 33.61 24.83 -2.28
CA ILE A 218 33.18 23.43 -2.24
C ILE A 218 34.28 22.53 -1.67
N VAL A 219 35.49 22.70 -2.18
CA VAL A 219 36.64 21.95 -1.68
C VAL A 219 36.91 22.26 -0.21
N GLU A 220 36.62 23.49 0.20
CA GLU A 220 36.85 23.91 1.59
C GLU A 220 35.90 23.19 2.56
N ARG A 221 34.62 23.15 2.20
CA ARG A 221 33.60 22.55 3.05
C ARG A 221 33.53 21.02 2.95
N PHE A 222 33.80 20.49 1.76
CA PHE A 222 33.62 19.07 1.50
C PHE A 222 34.91 18.32 1.15
N GLY A 223 36.05 18.97 1.32
CA GLY A 223 37.33 18.37 0.95
C GLY A 223 37.69 17.12 1.72
N PHE A 224 37.08 16.93 2.87
CA PHE A 224 37.31 15.75 3.70
C PHE A 224 36.84 14.49 2.98
N SER A 225 35.97 14.68 1.98
CA SER A 225 35.41 13.57 1.22
C SER A 225 36.07 13.42 -0.13
N GLU A 226 36.50 12.21 -0.45
CA GLU A 226 37.10 11.93 -1.75
C GLU A 226 36.05 11.84 -2.86
N ILE A 227 34.86 11.38 -2.51
CA ILE A 227 33.78 11.25 -3.49
C ILE A 227 33.19 12.61 -3.87
N MET A 228 33.36 13.60 -3.00
CA MET A 228 32.92 14.95 -3.30
C MET A 228 33.96 15.62 -4.20
N ARG A 229 35.23 15.33 -3.94
CA ARG A 229 36.31 15.80 -4.80
C ARG A 229 36.16 15.18 -6.18
N SER A 230 35.87 13.88 -6.20
CA SER A 230 35.68 13.13 -7.45
C SER A 230 34.48 13.65 -8.23
N THR A 231 33.39 13.94 -7.53
CA THR A 231 32.18 14.44 -8.15
C THR A 231 32.41 15.82 -8.75
N LEU A 232 33.22 16.63 -8.06
CA LEU A 232 33.55 17.98 -8.52
C LEU A 232 34.44 17.93 -9.76
N GLU A 233 35.36 16.97 -9.77
CA GLU A 233 36.25 16.77 -10.92
C GLU A 233 35.46 16.40 -12.17
N LYS A 234 34.63 15.37 -12.05
CA LYS A 234 33.85 14.86 -13.17
C LYS A 234 32.67 15.76 -13.53
N ASP A 235 32.54 16.88 -12.84
CA ASP A 235 31.47 17.84 -13.10
C ASP A 235 31.88 18.79 -14.23
N ASN A 236 31.19 18.68 -15.36
CA ASN A 236 31.54 19.44 -16.56
C ASN A 236 31.03 20.89 -16.55
N THR A 237 30.32 21.28 -15.49
CA THR A 237 29.77 22.62 -15.40
C THR A 237 30.81 23.62 -14.87
N VAL A 238 30.98 24.73 -15.58
CA VAL A 238 31.88 25.80 -15.14
C VAL A 238 31.08 27.01 -14.66
N GLY A 239 31.12 27.28 -13.36
CA GLY A 239 30.49 28.46 -12.80
C GLY A 239 29.00 28.34 -12.52
N THR A 240 28.48 29.32 -11.79
CA THR A 240 27.08 29.33 -11.37
C THR A 240 26.10 29.35 -12.54
N ASP A 241 26.36 30.20 -13.51
CA ASP A 241 25.45 30.41 -14.65
C ASP A 241 25.25 29.13 -15.48
N GLU A 242 26.32 28.38 -15.71
CA GLU A 242 26.23 27.13 -16.45
C GLU A 242 25.47 26.07 -15.66
N ALA A 243 25.61 26.11 -14.34
CA ALA A 243 24.93 25.18 -13.46
C ALA A 243 23.43 25.44 -13.45
N LEU A 244 23.06 26.72 -13.41
CA LEU A 244 21.66 27.13 -13.42
C LEU A 244 20.97 26.68 -14.71
N LEU A 245 21.66 26.85 -15.83
CA LEU A 245 21.11 26.45 -17.12
C LEU A 245 20.91 24.94 -17.20
N ASP A 246 21.89 24.18 -16.71
CA ASP A 246 21.82 22.73 -16.73
C ASP A 246 20.62 22.24 -15.92
N ILE A 247 20.40 22.86 -14.76
CA ILE A 247 19.25 22.53 -13.92
C ILE A 247 17.95 22.82 -14.66
N TYR A 248 17.87 23.99 -15.27
CA TYR A 248 16.68 24.39 -16.01
C TYR A 248 16.38 23.40 -17.14
N ARG A 249 17.42 22.95 -17.82
CA ARG A 249 17.26 21.97 -18.90
C ARG A 249 16.67 20.67 -18.38
N LYS A 250 17.11 20.24 -17.20
CA LYS A 250 16.61 19.01 -16.60
C LYS A 250 15.18 19.18 -16.10
N LEU A 251 14.88 20.35 -15.53
CA LEU A 251 13.56 20.61 -14.97
C LEU A 251 12.55 21.02 -16.03
N ARG A 252 13.01 21.68 -17.09
CA ARG A 252 12.11 22.10 -18.16
C ARG A 252 12.66 21.83 -19.56
N PRO A 253 12.42 20.61 -20.07
CA PRO A 253 12.89 20.14 -21.38
C PRO A 253 12.16 20.81 -22.55
N GLY A 254 12.90 21.17 -23.58
CA GLY A 254 12.32 21.76 -24.78
C GLY A 254 12.19 23.27 -24.74
N GLU A 255 12.39 23.85 -23.56
CA GLU A 255 12.19 25.28 -23.37
C GLU A 255 13.54 26.01 -23.34
N PRO A 256 13.58 27.21 -23.94
CA PRO A 256 14.79 28.04 -23.98
C PRO A 256 15.22 28.52 -22.61
N PRO A 257 16.39 28.08 -22.15
CA PRO A 257 16.93 28.44 -20.82
C PRO A 257 17.59 29.82 -20.80
N THR A 258 17.07 30.72 -19.98
CA THR A 258 17.72 32.01 -19.74
C THR A 258 18.38 32.02 -18.35
N LYS A 259 19.09 33.11 -18.06
CA LYS A 259 19.73 33.27 -16.77
C LYS A 259 18.70 33.44 -15.66
N GLU A 260 17.77 34.35 -15.88
CA GLU A 260 16.81 34.74 -14.84
C GLU A 260 15.78 33.67 -14.50
N SER A 261 15.21 33.03 -15.53
CA SER A 261 14.15 32.04 -15.30
C SER A 261 14.69 30.75 -14.68
N ALA A 262 16.01 30.66 -14.56
CA ALA A 262 16.63 29.52 -13.89
C ALA A 262 16.76 29.79 -12.40
N GLN A 263 17.22 31.00 -12.06
CA GLN A 263 17.32 31.43 -10.67
C GLN A 263 15.93 31.50 -10.05
N THR A 264 14.99 32.02 -10.84
CA THR A 264 13.60 32.14 -10.41
C THR A 264 13.00 30.78 -10.11
N LEU A 265 13.28 29.81 -10.98
CA LEU A 265 12.79 28.45 -10.82
C LEU A 265 13.31 27.83 -9.53
N LEU A 266 14.61 27.99 -9.28
CA LEU A 266 15.25 27.41 -8.11
C LEU A 266 14.75 28.04 -6.81
N GLU A 267 14.51 29.35 -6.85
CA GLU A 267 13.94 30.05 -5.69
C GLU A 267 12.54 29.54 -5.38
N ASN A 268 11.74 29.41 -6.44
CA ASN A 268 10.35 28.99 -6.29
C ASN A 268 10.20 27.55 -5.82
N LEU A 269 11.23 26.74 -6.02
CA LEU A 269 11.17 25.34 -5.66
C LEU A 269 11.18 25.11 -4.15
N PHE A 270 12.12 25.71 -3.45
CA PHE A 270 12.36 25.36 -2.05
C PHE A 270 12.37 26.55 -1.09
N PHE A 271 12.64 27.75 -1.60
CA PHE A 271 12.96 28.87 -0.72
C PHE A 271 11.89 29.96 -0.65
N LYS A 272 10.74 29.69 -1.25
CA LYS A 272 9.62 30.61 -1.21
C LYS A 272 8.33 29.92 -0.74
N GLU A 273 7.67 30.55 0.23
CA GLU A 273 6.48 30.02 0.90
C GLU A 273 5.34 29.66 -0.05
N LYS A 274 5.27 30.38 -1.17
CA LYS A 274 4.21 30.19 -2.17
C LYS A 274 4.11 28.73 -2.60
N ARG A 275 5.26 28.09 -2.73
CA ARG A 275 5.33 26.80 -3.39
C ARG A 275 5.91 25.70 -2.52
N TYR A 276 6.43 26.07 -1.34
CA TYR A 276 7.11 25.09 -0.51
C TYR A 276 6.78 25.26 0.97
N ASP A 277 6.46 24.16 1.63
CA ASP A 277 6.14 24.19 3.06
C ASP A 277 6.58 22.90 3.73
N LEU A 278 7.52 23.04 4.67
CA LEU A 278 7.98 21.90 5.47
C LEU A 278 6.98 21.59 6.55
N ALA A 279 6.14 22.57 6.87
CA ALA A 279 5.29 22.58 8.07
C ALA A 279 6.15 22.61 9.34
N ARG A 280 5.52 22.89 10.47
CA ARG A 280 6.25 23.03 11.73
C ARG A 280 6.96 21.74 12.13
N VAL A 281 6.30 20.60 11.89
CA VAL A 281 6.90 19.30 12.18
C VAL A 281 8.14 19.06 11.34
N GLY A 282 8.07 19.38 10.05
CA GLY A 282 9.19 19.21 9.15
C GLY A 282 10.36 20.09 9.53
N ARG A 283 10.09 21.36 9.81
CA ARG A 283 11.10 22.32 10.21
C ARG A 283 11.81 21.85 11.48
N TYR A 284 11.02 21.35 12.43
CA TYR A 284 11.56 20.81 13.67
C TYR A 284 12.43 19.57 13.44
N LYS A 285 11.90 18.63 12.66
CA LYS A 285 12.61 17.38 12.38
C LYS A 285 13.93 17.60 11.65
N VAL A 286 13.92 18.50 10.68
CA VAL A 286 15.14 18.84 9.95
C VAL A 286 16.17 19.49 10.87
N ASN A 287 15.69 20.38 11.74
CA ASN A 287 16.54 21.06 12.70
C ASN A 287 17.26 20.10 13.64
N LYS A 288 16.51 19.18 14.23
CA LYS A 288 17.08 18.22 15.17
C LYS A 288 18.04 17.26 14.47
N LYS A 289 17.63 16.76 13.32
CA LYS A 289 18.43 15.80 12.57
C LYS A 289 19.78 16.38 12.16
N LEU A 290 19.78 17.66 11.77
CA LEU A 290 20.98 18.30 11.27
C LEU A 290 21.66 19.24 12.30
N GLY A 291 21.05 19.35 13.47
CA GLY A 291 21.60 20.18 14.53
C GLY A 291 21.57 21.67 14.22
N LEU A 292 20.48 22.11 13.59
CA LEU A 292 20.35 23.50 13.16
C LEU A 292 19.39 24.27 14.07
N HIS A 293 19.78 25.49 14.43
CA HIS A 293 18.95 26.38 15.24
C HIS A 293 18.45 25.67 16.49
N VAL A 294 19.38 25.24 17.34
CA VAL A 294 19.08 24.35 18.46
C VAL A 294 18.00 24.86 19.42
N GLY A 295 18.01 26.16 19.71
CA GLY A 295 17.06 26.72 20.65
C GLY A 295 16.16 27.78 20.04
N GLU A 296 16.50 28.22 18.83
CA GLU A 296 15.76 29.27 18.14
C GLU A 296 14.33 28.85 17.80
N PRO A 297 13.39 29.81 17.85
CA PRO A 297 11.99 29.54 17.50
C PRO A 297 11.78 29.49 15.99
N ILE A 298 10.74 28.79 15.56
CA ILE A 298 10.45 28.65 14.13
C ILE A 298 9.87 29.94 13.55
N THR A 299 10.55 30.48 12.56
CA THR A 299 10.11 31.73 11.93
C THR A 299 9.63 31.49 10.49
N SER A 300 10.04 30.36 9.91
CA SER A 300 9.67 30.02 8.54
C SER A 300 9.73 28.52 8.31
N SER A 301 8.90 28.02 7.41
CA SER A 301 8.86 26.60 7.10
C SER A 301 9.26 26.31 5.65
N THR A 302 10.07 27.19 5.08
CA THR A 302 10.68 26.92 3.79
C THR A 302 12.04 26.27 4.02
N LEU A 303 12.62 25.76 2.96
CA LEU A 303 13.97 25.21 3.02
C LEU A 303 14.97 26.38 2.97
N THR A 304 16.17 26.16 3.48
CA THR A 304 17.23 27.15 3.39
C THR A 304 18.45 26.53 2.73
N GLU A 305 19.37 27.37 2.27
CA GLU A 305 20.62 26.87 1.68
C GLU A 305 21.42 26.09 2.73
N GLU A 306 21.33 26.55 3.97
CA GLU A 306 22.00 25.91 5.10
C GLU A 306 21.52 24.47 5.25
N ASP A 307 20.23 24.25 5.03
CA ASP A 307 19.64 22.91 5.12
C ASP A 307 20.20 22.00 4.04
N VAL A 308 20.26 22.54 2.81
CA VAL A 308 20.72 21.78 1.65
C VAL A 308 22.17 21.34 1.83
N VAL A 309 23.03 22.27 2.24
CA VAL A 309 24.44 21.98 2.43
C VAL A 309 24.65 21.01 3.60
N ALA A 310 23.90 21.20 4.66
CA ALA A 310 23.99 20.31 5.83
C ALA A 310 23.56 18.90 5.48
N THR A 311 22.54 18.80 4.64
CA THR A 311 22.02 17.49 4.23
C THR A 311 23.04 16.73 3.38
N ILE A 312 23.67 17.44 2.46
CA ILE A 312 24.73 16.86 1.63
C ILE A 312 25.88 16.39 2.51
N GLU A 313 26.31 17.26 3.42
CA GLU A 313 27.39 16.94 4.35
C GLU A 313 27.07 15.71 5.19
N TYR A 314 25.83 15.63 5.68
CA TYR A 314 25.39 14.49 6.48
C TYR A 314 25.51 13.20 5.68
N LEU A 315 24.89 13.18 4.52
CA LEU A 315 24.93 12.03 3.61
C LEU A 315 26.37 11.61 3.31
N VAL A 316 27.23 12.60 3.11
CA VAL A 316 28.62 12.39 2.77
C VAL A 316 29.42 11.82 3.95
N ARG A 317 29.18 12.35 5.15
CA ARG A 317 29.83 11.82 6.35
C ARG A 317 29.30 10.43 6.68
N LEU A 318 28.03 10.20 6.39
CA LEU A 318 27.41 8.90 6.59
C LEU A 318 28.12 7.85 5.75
N HIS A 319 28.42 8.21 4.51
CA HIS A 319 29.12 7.34 3.59
C HIS A 319 30.58 7.18 4.00
N GLU A 320 31.14 8.23 4.59
CA GLU A 320 32.52 8.22 5.03
C GLU A 320 32.72 7.27 6.20
N GLY A 321 31.61 6.88 6.84
CA GLY A 321 31.64 5.99 7.97
C GLY A 321 31.68 6.75 9.28
N GLN A 322 31.56 8.06 9.20
CA GLN A 322 31.63 8.92 10.38
C GLN A 322 30.34 8.87 11.20
N THR A 323 30.46 9.12 12.49
CA THR A 323 29.35 8.95 13.42
C THR A 323 28.86 10.27 14.00
N THR A 324 29.59 11.34 13.72
CA THR A 324 29.25 12.64 14.28
C THR A 324 29.41 13.76 13.25
N MET A 325 28.60 14.80 13.39
CA MET A 325 28.65 15.95 12.49
C MET A 325 28.38 17.22 13.25
N THR A 326 29.15 18.26 12.96
CA THR A 326 28.88 19.58 13.52
C THR A 326 28.91 20.63 12.41
N VAL A 327 27.73 21.05 11.98
CA VAL A 327 27.59 22.11 10.99
C VAL A 327 28.10 23.44 11.59
N PRO A 328 28.75 24.27 10.77
CA PRO A 328 29.17 25.61 11.18
C PRO A 328 28.04 26.40 11.84
N GLY A 329 28.17 26.66 13.13
CA GLY A 329 27.17 27.42 13.86
C GLY A 329 26.05 26.55 14.42
N GLY A 330 26.24 25.24 14.34
CA GLY A 330 25.25 24.31 14.86
C GLY A 330 25.78 23.46 15.99
N VAL A 331 25.04 22.43 16.37
CA VAL A 331 25.46 21.53 17.43
C VAL A 331 25.75 20.14 16.90
N GLU A 332 26.50 19.36 17.67
CA GLU A 332 26.89 18.01 17.28
C GLU A 332 25.68 17.07 17.27
N VAL A 333 25.53 16.32 16.17
CA VAL A 333 24.46 15.36 16.03
C VAL A 333 25.02 13.99 15.63
N PRO A 334 24.33 12.91 16.01
CA PRO A 334 24.79 11.59 15.55
C PRO A 334 24.52 11.42 14.07
N VAL A 335 25.43 10.77 13.36
CA VAL A 335 25.26 10.50 11.94
C VAL A 335 24.86 9.05 11.74
N GLU A 336 23.64 8.82 11.28
CA GLU A 336 23.09 7.48 11.17
C GLU A 336 21.92 7.44 10.20
N THR A 337 21.54 6.24 9.79
CA THR A 337 20.39 6.06 8.91
C THR A 337 19.09 6.15 9.71
N ASP A 338 18.00 6.42 9.00
CA ASP A 338 16.68 6.43 9.62
C ASP A 338 15.92 5.17 9.25
N ASP A 339 15.12 4.69 10.19
CA ASP A 339 14.38 3.45 10.00
C ASP A 339 12.92 3.77 9.70
N ILE A 340 12.67 4.48 8.61
CA ILE A 340 11.34 4.95 8.22
C ILE A 340 10.29 3.84 8.21
N ASP A 341 9.93 3.38 9.41
CA ASP A 341 8.97 2.30 9.55
C ASP A 341 7.55 2.83 9.44
N HIS A 342 7.09 3.52 10.49
CA HIS A 342 5.75 4.07 10.51
C HIS A 342 5.59 5.18 9.46
N ASN A 345 7.77 8.90 9.85
CA ASN A 345 6.39 8.46 10.06
C ASN A 345 5.58 8.61 8.78
N ARG A 346 4.26 8.46 8.91
CA ARG A 346 3.36 8.67 7.78
C ARG A 346 2.22 9.60 8.18
N ARG A 347 1.60 10.25 7.19
CA ARG A 347 0.42 11.07 7.45
C ARG A 347 -0.69 10.78 6.46
N LEU A 348 -1.91 11.16 6.83
CA LEU A 348 -3.09 10.84 6.04
C LEU A 348 -3.48 12.02 5.15
N ARG A 349 -3.60 11.76 3.85
CA ARG A 349 -4.12 12.76 2.92
C ARG A 349 -5.54 12.40 2.50
N THR A 350 -6.49 13.22 2.92
CA THR A 350 -7.90 13.00 2.60
C THR A 350 -8.17 13.19 1.11
N VAL A 351 -9.37 12.83 0.69
CA VAL A 351 -9.77 12.99 -0.71
C VAL A 351 -9.73 14.46 -1.14
N GLY A 352 -10.19 15.35 -0.25
CA GLY A 352 -10.20 16.77 -0.52
C GLY A 352 -8.81 17.33 -0.75
N GLU A 353 -7.84 16.86 0.02
CA GLU A 353 -6.45 17.28 -0.13
C GLU A 353 -5.86 16.74 -1.42
N LEU A 354 -6.25 15.52 -1.77
CA LEU A 354 -5.79 14.89 -3.01
C LEU A 354 -6.25 15.69 -4.22
N ILE A 355 -7.52 16.06 -4.24
CA ILE A 355 -8.09 16.87 -5.31
C ILE A 355 -7.41 18.24 -5.36
N GLN A 356 -7.16 18.81 -4.19
CA GLN A 356 -6.53 20.12 -4.09
C GLN A 356 -5.15 20.13 -4.77
N ASN A 357 -4.41 19.03 -4.61
CA ASN A 357 -3.09 18.91 -5.21
C ASN A 357 -3.13 18.82 -6.74
N GLN A 358 -4.19 18.21 -7.27
CA GLN A 358 -4.36 18.16 -8.72
C GLN A 358 -4.77 19.51 -9.27
N ILE A 359 -5.53 20.27 -8.47
CA ILE A 359 -5.88 21.64 -8.81
C ILE A 359 -4.62 22.48 -8.93
N ARG A 360 -3.76 22.40 -7.93
CA ARG A 360 -2.47 23.10 -7.93
C ARG A 360 -1.70 22.85 -9.21
N VAL A 361 -1.59 21.58 -9.58
CA VAL A 361 -0.88 21.19 -10.78
C VAL A 361 -1.49 21.84 -12.02
N GLY A 362 -2.81 21.75 -12.16
CA GLY A 362 -3.50 22.37 -13.27
C GLY A 362 -3.32 23.88 -13.27
N MET A 363 -3.48 24.49 -12.10
CA MET A 363 -3.36 25.94 -11.94
C MET A 363 -1.96 26.45 -12.25
N SER A 364 -0.94 25.70 -11.84
CA SER A 364 0.44 26.09 -12.06
C SER A 364 0.81 26.12 -13.55
N ARG A 365 0.20 25.21 -14.32
CA ARG A 365 0.37 25.20 -15.78
C ARG A 365 -0.40 26.36 -16.38
N MET A 366 -1.56 26.64 -15.81
CA MET A 366 -2.38 27.77 -16.24
C MET A 366 -1.63 29.06 -15.95
N GLU A 367 -0.83 29.03 -14.88
CA GLU A 367 -0.03 30.17 -14.47
C GLU A 367 1.08 30.50 -15.48
N ARG A 368 1.76 29.46 -15.96
CA ARG A 368 2.86 29.66 -16.91
C ARG A 368 2.36 30.31 -18.21
N VAL A 369 1.16 29.91 -18.63
CA VAL A 369 0.55 30.48 -19.83
C VAL A 369 0.22 31.96 -19.61
N VAL A 370 -0.24 32.29 -18.42
CA VAL A 370 -0.52 33.69 -18.05
C VAL A 370 0.74 34.55 -18.17
N ARG A 371 1.84 34.05 -17.64
CA ARG A 371 3.11 34.77 -17.68
C ARG A 371 3.63 34.91 -19.10
N GLU A 372 3.45 33.86 -19.89
CA GLU A 372 3.81 33.87 -21.30
C GLU A 372 3.01 34.93 -22.07
N ARG A 373 1.70 34.96 -21.82
CA ARG A 373 0.82 35.88 -22.51
C ARG A 373 1.00 37.32 -22.03
N MET A 374 1.52 37.49 -20.83
CA MET A 374 1.78 38.81 -20.28
C MET A 374 2.89 39.54 -21.05
N THR A 375 3.77 38.76 -21.68
CA THR A 375 4.89 39.33 -22.42
C THR A 375 4.48 39.74 -23.83
N THR A 376 3.72 38.90 -24.50
CA THR A 376 3.46 39.06 -25.93
C THR A 376 2.17 39.83 -26.28
N GLN A 377 1.35 40.11 -25.28
CA GLN A 377 0.10 40.85 -25.52
C GLN A 377 0.27 42.35 -25.31
N ASP A 378 -0.64 43.12 -25.91
CA ASP A 378 -0.65 44.56 -25.72
C ASP A 378 -1.39 44.91 -24.43
N VAL A 379 -0.69 45.58 -23.52
CA VAL A 379 -1.18 45.83 -22.17
C VAL A 379 -2.53 46.54 -22.11
N GLU A 380 -2.82 47.37 -23.11
CA GLU A 380 -4.11 48.07 -23.14
C GLU A 380 -5.25 47.17 -23.59
N ALA A 381 -4.90 46.01 -24.16
CA ALA A 381 -5.91 45.05 -24.60
C ALA A 381 -5.99 43.86 -23.67
N ILE A 382 -5.12 43.83 -22.67
CA ILE A 382 -5.03 42.69 -21.75
C ILE A 382 -6.15 42.67 -20.72
N THR A 383 -6.93 41.60 -20.72
CA THR A 383 -7.95 41.36 -19.71
C THR A 383 -7.67 39.99 -19.11
N PRO A 384 -8.23 39.70 -17.92
CA PRO A 384 -8.05 38.36 -17.33
C PRO A 384 -8.45 37.24 -18.29
N GLN A 385 -9.47 37.48 -19.10
CA GLN A 385 -9.95 36.50 -20.06
C GLN A 385 -8.94 36.21 -21.18
N THR A 386 -8.10 37.19 -21.50
CA THR A 386 -7.09 37.02 -22.54
C THR A 386 -5.87 36.28 -21.99
N LEU A 387 -5.72 36.28 -20.67
CA LEU A 387 -4.57 35.68 -20.03
C LEU A 387 -4.84 34.23 -19.59
N ILE A 388 -6.09 33.96 -19.21
CA ILE A 388 -6.44 32.68 -18.61
C ILE A 388 -6.90 31.62 -19.62
N ASN A 389 -6.13 30.54 -19.72
CA ASN A 389 -6.54 29.36 -20.48
C ASN A 389 -6.79 28.21 -19.51
N ILE A 390 -8.05 27.79 -19.40
CA ILE A 390 -8.43 26.79 -18.39
C ILE A 390 -8.29 25.34 -18.84
N ARG A 391 -7.66 25.12 -19.99
CA ARG A 391 -7.44 23.76 -20.48
C ARG A 391 -6.56 22.85 -19.60
N PRO A 392 -5.44 23.38 -19.06
CA PRO A 392 -4.63 22.49 -18.21
C PRO A 392 -5.34 22.13 -16.91
N VAL A 393 -6.26 22.98 -16.48
CA VAL A 393 -7.01 22.74 -15.25
C VAL A 393 -8.05 21.63 -15.45
N VAL A 394 -8.78 21.70 -16.56
CA VAL A 394 -9.79 20.69 -16.85
C VAL A 394 -9.14 19.34 -17.18
N ALA A 395 -7.92 19.38 -17.69
CA ALA A 395 -7.17 18.16 -17.98
C ALA A 395 -6.74 17.46 -16.69
N ALA A 396 -6.27 18.25 -15.73
CA ALA A 396 -5.83 17.72 -14.44
C ALA A 396 -6.98 17.06 -13.68
N ILE A 397 -8.16 17.67 -13.77
CA ILE A 397 -9.35 17.14 -13.14
C ILE A 397 -9.84 15.87 -13.82
N LYS A 398 -9.94 15.91 -15.14
CA LYS A 398 -10.40 14.78 -15.92
C LYS A 398 -9.47 13.57 -15.75
N GLU A 399 -8.17 13.83 -15.67
CA GLU A 399 -7.18 12.77 -15.44
C GLU A 399 -7.35 12.16 -14.05
N PHE A 400 -7.44 13.01 -13.03
CA PHE A 400 -7.57 12.57 -11.65
C PHE A 400 -8.69 11.53 -11.47
N PHE A 401 -9.83 11.78 -12.09
CA PHE A 401 -10.97 10.87 -12.01
C PHE A 401 -10.92 9.87 -13.17
N PRO B 16 0.07 -0.98 4.32
CA PRO B 16 -0.70 0.00 3.56
C PRO B 16 -0.82 -0.38 2.08
N ARG B 17 -1.82 -1.20 1.77
CA ARG B 17 -1.97 -1.74 0.43
C ARG B 17 -3.34 -1.44 -0.17
N GLY B 18 -3.98 -0.36 0.28
CA GLY B 18 -5.30 -0.02 -0.19
C GLY B 18 -5.33 0.56 -1.59
N SER B 19 -6.46 0.41 -2.27
CA SER B 19 -6.64 0.99 -3.60
C SER B 19 -6.70 2.52 -3.52
N HIS B 20 -6.38 3.18 -4.62
CA HIS B 20 -6.51 4.63 -4.71
C HIS B 20 -7.94 4.99 -5.10
N MET B 21 -8.61 4.04 -5.77
CA MET B 21 -9.93 4.28 -6.30
C MET B 21 -10.72 2.98 -6.33
N MET B 22 -12.02 3.06 -6.06
CA MET B 22 -12.89 1.90 -6.11
C MET B 22 -14.15 2.19 -6.90
N LEU B 23 -14.68 1.17 -7.56
CA LEU B 23 -16.03 1.24 -8.12
C LEU B 23 -16.98 0.77 -7.03
N LEU B 24 -17.91 1.63 -6.63
CA LEU B 24 -18.84 1.32 -5.54
C LEU B 24 -19.62 0.03 -5.80
N ASP B 25 -20.08 -0.14 -7.03
CA ASP B 25 -20.92 -1.29 -7.39
C ASP B 25 -20.18 -2.63 -7.28
N VAL B 26 -18.90 -2.64 -7.62
CA VAL B 26 -18.10 -3.85 -7.52
C VAL B 26 -17.97 -4.32 -6.06
N GLN B 27 -17.78 -3.36 -5.16
CA GLN B 27 -17.62 -3.68 -3.75
C GLN B 27 -18.93 -4.11 -3.10
N THR B 28 -20.01 -3.42 -3.43
CA THR B 28 -21.32 -3.77 -2.89
C THR B 28 -21.78 -5.13 -3.42
N ASP B 29 -21.46 -5.41 -4.68
CA ASP B 29 -21.74 -6.72 -5.26
C ASP B 29 -20.97 -7.82 -4.54
N SER B 30 -19.77 -7.49 -4.05
CA SER B 30 -18.94 -8.48 -3.37
C SER B 30 -19.44 -8.75 -1.96
N PHE B 31 -20.19 -7.80 -1.39
CA PHE B 31 -20.82 -8.04 -0.09
C PHE B 31 -22.08 -8.86 -0.27
N GLU B 32 -22.80 -8.62 -1.37
CA GLU B 32 -23.96 -9.42 -1.72
C GLU B 32 -23.54 -10.89 -1.88
N TRP B 33 -22.39 -11.09 -2.51
CA TRP B 33 -21.83 -12.43 -2.67
C TRP B 33 -21.47 -13.06 -1.33
N LEU B 34 -20.82 -12.26 -0.47
CA LEU B 34 -20.36 -12.75 0.83
C LEU B 34 -21.49 -13.30 1.68
N ILE B 35 -22.65 -12.64 1.61
CA ILE B 35 -23.80 -13.06 2.42
C ILE B 35 -24.78 -13.92 1.63
N GLY B 36 -24.42 -14.25 0.39
CA GLY B 36 -25.24 -15.11 -0.45
C GLY B 36 -26.65 -14.59 -0.64
N SER B 37 -26.79 -13.29 -0.82
CA SER B 37 -28.09 -12.65 -0.94
C SER B 37 -28.77 -13.05 -2.26
N PRO B 38 -30.11 -13.00 -2.29
CA PRO B 38 -30.91 -13.30 -3.49
C PRO B 38 -30.46 -12.53 -4.74
N ARG B 39 -30.18 -11.24 -4.61
CA ARG B 39 -29.77 -10.41 -5.75
C ARG B 39 -28.50 -10.96 -6.38
N TRP B 40 -27.58 -11.42 -5.53
CA TRP B 40 -26.36 -12.07 -5.99
C TRP B 40 -26.67 -13.34 -6.78
N ARG B 41 -27.64 -14.12 -6.31
CA ARG B 41 -28.01 -15.37 -6.99
C ARG B 41 -28.52 -15.10 -8.39
N GLU B 42 -29.37 -14.08 -8.53
CA GLU B 42 -29.97 -13.75 -9.81
C GLU B 42 -28.97 -13.07 -10.75
N SER B 43 -28.00 -12.37 -10.17
CA SER B 43 -26.91 -11.78 -10.95
C SER B 43 -25.96 -12.88 -11.43
N ALA B 44 -25.82 -13.92 -10.61
CA ALA B 44 -25.00 -15.06 -10.96
C ALA B 44 -25.77 -15.98 -11.91
N ALA B 45 -27.10 -15.86 -11.88
CA ALA B 45 -27.95 -16.66 -12.76
C ALA B 45 -28.03 -16.07 -14.17
N GLU B 46 -28.17 -14.76 -14.27
CA GLU B 46 -28.15 -14.09 -15.58
C GLU B 46 -26.75 -14.19 -16.23
N ARG B 47 -25.74 -13.58 -15.61
CA ARG B 47 -24.37 -13.57 -16.14
C ARG B 47 -23.88 -14.99 -16.43
N GLY B 48 -24.45 -15.96 -15.74
CA GLY B 48 -24.22 -17.35 -16.07
C GLY B 48 -22.89 -17.95 -15.66
N ASP B 49 -22.93 -19.13 -15.01
CA ASP B 49 -24.17 -19.75 -14.58
C ASP B 49 -23.98 -20.59 -13.32
N VAL B 50 -24.55 -21.79 -13.33
CA VAL B 50 -24.69 -22.61 -12.12
C VAL B 50 -23.36 -23.02 -11.46
N ASN B 51 -23.48 -23.62 -10.27
CA ASN B 51 -22.41 -23.73 -9.27
C ASN B 51 -22.00 -22.39 -8.62
N PRO B 52 -22.98 -21.63 -8.08
CA PRO B 52 -22.58 -20.43 -7.34
C PRO B 52 -22.56 -20.70 -5.85
N VAL B 53 -21.47 -20.31 -5.19
CA VAL B 53 -21.33 -20.53 -3.76
C VAL B 53 -21.05 -19.21 -3.04
N GLY B 54 -21.84 -18.92 -2.02
CA GLY B 54 -21.67 -17.69 -1.25
C GLY B 54 -20.36 -17.69 -0.48
N GLY B 55 -19.97 -16.50 -0.01
CA GLY B 55 -18.73 -16.35 0.73
C GLY B 55 -18.74 -17.09 2.06
N LEU B 56 -19.80 -16.89 2.83
CA LEU B 56 -19.95 -17.57 4.10
C LEU B 56 -20.21 -19.07 3.89
N GLU B 57 -20.90 -19.40 2.80
CA GLU B 57 -21.12 -20.79 2.42
C GLU B 57 -19.80 -21.51 2.30
N GLU B 58 -18.88 -20.90 1.54
CA GLU B 58 -17.58 -21.47 1.26
C GLU B 58 -16.82 -21.77 2.55
N VAL B 59 -16.77 -20.79 3.45
CA VAL B 59 -16.05 -20.93 4.70
C VAL B 59 -16.57 -22.10 5.55
N LEU B 60 -17.88 -22.22 5.66
CA LEU B 60 -18.50 -23.31 6.42
C LEU B 60 -18.19 -24.65 5.78
N TYR B 61 -18.31 -24.70 4.46
CA TYR B 61 -18.01 -25.90 3.69
C TYR B 61 -16.56 -26.33 3.85
N GLU B 62 -15.67 -25.33 3.93
CA GLU B 62 -14.22 -25.58 4.05
C GLU B 62 -13.82 -26.39 5.29
N LEU B 63 -14.27 -25.93 6.45
CA LEU B 63 -13.84 -26.54 7.71
C LEU B 63 -14.67 -27.76 8.12
N SER B 64 -15.77 -27.99 7.40
CA SER B 64 -16.64 -29.13 7.68
C SER B 64 -16.15 -30.37 6.93
N PRO B 65 -16.07 -31.52 7.63
CA PRO B 65 -16.40 -31.64 9.06
C PRO B 65 -15.18 -31.42 9.94
N ILE B 66 -15.43 -30.94 11.16
CA ILE B 66 -14.38 -30.85 12.17
C ILE B 66 -14.37 -32.16 12.95
N GLU B 67 -13.21 -32.80 13.02
CA GLU B 67 -13.11 -34.09 13.68
C GLU B 67 -12.12 -34.07 14.84
N ASP B 68 -12.34 -34.96 15.80
CA ASP B 68 -11.36 -35.17 16.86
C ASP B 68 -10.30 -36.13 16.34
N PHE B 69 -9.24 -36.31 17.12
CA PHE B 69 -8.11 -37.13 16.70
C PHE B 69 -8.45 -38.62 16.59
N SER B 70 -9.60 -39.00 17.13
CA SER B 70 -9.96 -40.42 17.27
C SER B 70 -10.11 -41.26 15.99
N GLY B 71 -10.91 -40.84 15.00
CA GLY B 71 -11.78 -39.67 15.04
C GLY B 71 -13.22 -40.15 15.10
N SER B 72 -13.76 -40.19 16.32
CA SER B 72 -15.08 -40.75 16.56
C SER B 72 -16.18 -39.70 16.50
N MET B 73 -15.79 -38.43 16.39
CA MET B 73 -16.75 -37.34 16.37
C MET B 73 -16.50 -36.41 15.19
N SER B 74 -17.59 -35.91 14.62
CA SER B 74 -17.49 -34.93 13.54
C SER B 74 -18.55 -33.85 13.72
N LEU B 75 -18.24 -32.64 13.25
CA LEU B 75 -19.17 -31.53 13.32
C LEU B 75 -19.12 -30.75 12.01
N SER B 76 -20.28 -30.60 11.37
CA SER B 76 -20.35 -29.94 10.06
C SER B 76 -21.24 -28.71 10.10
N PHE B 77 -20.91 -27.73 9.28
CA PHE B 77 -21.67 -26.48 9.20
C PHE B 77 -22.21 -26.29 7.79
N SER B 78 -23.39 -25.67 7.69
CA SER B 78 -24.00 -25.42 6.39
C SER B 78 -25.15 -24.42 6.48
N ASP B 79 -25.62 -24.00 5.31
CA ASP B 79 -26.82 -23.15 5.19
C ASP B 79 -26.79 -21.89 6.05
N PRO B 80 -25.81 -21.00 5.81
CA PRO B 80 -25.79 -19.75 6.58
C PRO B 80 -26.87 -18.79 6.12
N ARG B 81 -27.56 -18.16 7.07
CA ARG B 81 -28.60 -17.19 6.74
C ARG B 81 -28.73 -16.15 7.84
N PHE B 82 -29.50 -15.10 7.57
CA PHE B 82 -29.61 -13.99 8.50
C PHE B 82 -31.06 -13.69 8.86
N ASP B 83 -31.26 -13.23 10.09
CA ASP B 83 -32.52 -12.66 10.48
C ASP B 83 -32.54 -11.19 10.08
N ASP B 84 -33.64 -10.50 10.35
CA ASP B 84 -33.73 -9.08 10.04
C ASP B 84 -32.83 -8.28 10.97
N VAL B 85 -32.48 -7.07 10.55
CA VAL B 85 -31.57 -6.22 11.33
C VAL B 85 -32.18 -5.83 12.68
N LYS B 86 -31.33 -5.70 13.68
CA LYS B 86 -31.76 -5.42 15.05
C LYS B 86 -32.30 -4.00 15.21
N ALA B 87 -31.84 -3.10 14.35
CA ALA B 87 -32.25 -1.70 14.43
C ALA B 87 -31.98 -0.98 13.11
N PRO B 88 -32.79 0.05 12.80
CA PRO B 88 -32.57 0.87 11.60
C PRO B 88 -31.27 1.65 11.68
N VAL B 89 -30.76 2.09 10.53
CA VAL B 89 -29.49 2.81 10.46
C VAL B 89 -29.47 4.06 11.32
N ASP B 90 -30.48 4.91 11.16
CA ASP B 90 -30.57 6.16 11.90
C ASP B 90 -30.62 5.92 13.42
N GLU B 91 -31.27 4.84 13.82
CA GLU B 91 -31.34 4.46 15.22
C GLU B 91 -29.97 3.98 15.71
N CYS B 92 -29.23 3.32 14.82
CA CYS B 92 -27.89 2.84 15.14
C CYS B 92 -26.90 3.99 15.26
N LYS B 93 -27.19 5.09 14.59
CA LYS B 93 -26.34 6.28 14.63
C LYS B 93 -26.61 7.12 15.89
N ASP B 94 -27.89 7.32 16.19
CA ASP B 94 -28.28 8.15 17.33
C ASP B 94 -28.16 7.42 18.66
N LYS B 95 -27.72 6.17 18.63
CA LYS B 95 -27.56 5.38 19.85
C LYS B 95 -26.20 4.67 19.90
N ASP B 96 -25.34 5.02 18.95
CA ASP B 96 -23.96 4.48 18.89
C ASP B 96 -23.92 2.96 18.85
N MET B 97 -24.82 2.37 18.07
CA MET B 97 -24.88 0.91 17.94
C MET B 97 -24.34 0.46 16.59
N THR B 98 -24.19 -0.85 16.44
CA THR B 98 -23.70 -1.42 15.18
C THR B 98 -24.85 -1.93 14.34
N TYR B 99 -24.92 -1.46 13.09
CA TYR B 99 -25.90 -1.94 12.13
C TYR B 99 -25.54 -3.37 11.73
N ALA B 100 -26.29 -4.34 12.26
CA ALA B 100 -25.97 -5.74 12.04
C ALA B 100 -27.21 -6.64 12.00
N ALA B 101 -27.03 -7.84 11.46
CA ALA B 101 -28.09 -8.84 11.45
C ALA B 101 -27.55 -10.14 12.03
N PRO B 102 -28.38 -10.83 12.83
CA PRO B 102 -27.98 -12.10 13.46
C PRO B 102 -27.68 -13.17 12.41
N LEU B 103 -26.55 -13.86 12.58
CA LEU B 103 -26.18 -14.94 11.65
C LEU B 103 -26.51 -16.30 12.24
N PHE B 104 -27.19 -17.13 11.46
CA PHE B 104 -27.55 -18.48 11.88
C PHE B 104 -27.07 -19.53 10.88
N VAL B 105 -26.55 -20.63 11.41
CA VAL B 105 -26.10 -21.74 10.57
C VAL B 105 -26.73 -23.04 11.02
N THR B 106 -26.63 -24.06 10.17
CA THR B 106 -27.07 -25.41 10.52
C THR B 106 -25.86 -26.24 10.92
N ALA B 107 -25.77 -26.59 12.20
CA ALA B 107 -24.67 -27.41 12.68
C ALA B 107 -25.13 -28.85 12.91
N GLU B 108 -24.28 -29.79 12.52
CA GLU B 108 -24.63 -31.21 12.61
C GLU B 108 -23.52 -31.99 13.31
N PHE B 109 -23.84 -32.51 14.50
CA PHE B 109 -22.89 -33.34 15.24
C PHE B 109 -23.15 -34.82 14.98
N ILE B 110 -22.08 -35.59 14.80
CA ILE B 110 -22.20 -37.01 14.55
C ILE B 110 -21.29 -37.82 15.45
N ASN B 111 -21.87 -38.79 16.16
CA ASN B 111 -21.12 -39.77 16.92
C ASN B 111 -20.85 -40.96 15.99
N ASN B 112 -19.61 -41.09 15.53
CA ASN B 112 -19.27 -42.11 14.54
C ASN B 112 -19.28 -43.54 15.11
N ASN B 113 -19.27 -43.66 16.44
CA ASN B 113 -19.34 -44.96 17.08
C ASN B 113 -20.75 -45.55 17.04
N THR B 114 -21.75 -44.70 17.31
CA THR B 114 -23.14 -45.13 17.33
C THR B 114 -23.85 -44.82 16.00
N GLY B 115 -23.43 -43.74 15.36
CA GLY B 115 -24.04 -43.29 14.12
C GLY B 115 -25.12 -42.25 14.39
N GLU B 116 -25.28 -41.87 15.66
CA GLU B 116 -26.31 -40.91 16.05
C GLU B 116 -26.01 -39.51 15.54
N ILE B 117 -27.05 -38.82 15.06
CA ILE B 117 -26.90 -37.49 14.50
C ILE B 117 -27.66 -36.46 15.33
N LYS B 118 -26.98 -35.38 15.68
CA LYS B 118 -27.60 -34.29 16.43
C LYS B 118 -27.49 -32.98 15.65
N SER B 119 -28.61 -32.54 15.09
CA SER B 119 -28.63 -31.31 14.31
C SER B 119 -29.28 -30.18 15.10
N GLN B 120 -28.72 -28.98 14.97
CA GLN B 120 -29.22 -27.79 15.64
C GLN B 120 -29.01 -26.55 14.79
N THR B 121 -29.81 -25.53 15.05
CA THR B 121 -29.56 -24.20 14.51
C THR B 121 -28.72 -23.45 15.52
N VAL B 122 -27.61 -22.87 15.06
CA VAL B 122 -26.68 -22.19 15.96
C VAL B 122 -26.49 -20.72 15.59
N PHE B 123 -26.52 -19.86 16.60
CA PHE B 123 -26.26 -18.43 16.43
C PHE B 123 -24.75 -18.18 16.38
N MET B 124 -24.30 -17.52 15.32
CA MET B 124 -22.86 -17.32 15.13
C MET B 124 -22.45 -15.85 15.25
N GLY B 125 -23.27 -15.06 15.91
CA GLY B 125 -22.94 -13.67 16.16
C GLY B 125 -23.68 -12.67 15.30
N ASP B 126 -23.71 -11.41 15.75
CA ASP B 126 -24.32 -10.34 14.98
C ASP B 126 -23.35 -9.87 13.90
N PHE B 127 -23.83 -9.87 12.65
CA PHE B 127 -22.99 -9.64 11.49
C PHE B 127 -23.26 -8.27 10.89
N PRO B 128 -22.25 -7.37 10.90
CA PRO B 128 -22.39 -6.01 10.40
C PRO B 128 -22.79 -5.96 8.92
N MET B 129 -23.89 -5.27 8.64
CA MET B 129 -24.41 -5.24 7.27
C MET B 129 -24.04 -3.95 6.55
N MET B 130 -23.80 -4.08 5.25
CA MET B 130 -23.49 -2.93 4.40
C MET B 130 -24.76 -2.11 4.17
N THR B 131 -24.64 -0.79 4.27
CA THR B 131 -25.79 0.09 4.09
C THR B 131 -26.07 0.33 2.61
N GLU B 132 -27.00 1.24 2.35
CA GLU B 132 -27.37 1.60 0.98
C GLU B 132 -26.24 2.43 0.35
N LYS B 133 -25.47 3.10 1.20
CA LYS B 133 -24.37 3.95 0.74
C LYS B 133 -23.11 3.12 0.47
N GLY B 134 -23.20 1.82 0.73
CA GLY B 134 -22.05 0.95 0.57
C GLY B 134 -21.13 1.04 1.77
N THR B 135 -21.67 1.54 2.88
CA THR B 135 -20.89 1.71 4.09
C THR B 135 -21.34 0.75 5.18
N PHE B 136 -20.61 0.76 6.30
CA PHE B 136 -21.00 0.02 7.49
C PHE B 136 -21.21 1.01 8.63
N ILE B 137 -22.06 0.65 9.59
CA ILE B 137 -22.24 1.47 10.78
C ILE B 137 -21.73 0.71 12.00
N ILE B 138 -20.53 1.04 12.45
CA ILE B 138 -19.96 0.42 13.64
C ILE B 138 -19.94 1.41 14.80
N ASN B 139 -20.62 1.04 15.88
CA ASN B 139 -20.71 1.88 17.08
C ASN B 139 -21.14 3.32 16.80
N GLY B 140 -22.05 3.48 15.86
CA GLY B 140 -22.56 4.80 15.51
C GLY B 140 -21.79 5.47 14.39
N THR B 141 -20.52 5.10 14.22
CA THR B 141 -19.68 5.72 13.20
C THR B 141 -19.80 5.01 11.85
N GLU B 142 -19.99 5.79 10.81
CA GLU B 142 -20.12 5.26 9.45
C GLU B 142 -18.74 5.03 8.84
N ARG B 143 -18.51 3.82 8.32
CA ARG B 143 -17.18 3.44 7.85
C ARG B 143 -17.19 2.90 6.43
N VAL B 144 -16.07 3.11 5.73
CA VAL B 144 -15.90 2.62 4.37
C VAL B 144 -14.71 1.67 4.32
N VAL B 145 -14.97 0.41 3.98
CA VAL B 145 -13.90 -0.58 3.84
C VAL B 145 -13.30 -0.47 2.44
N VAL B 146 -11.97 -0.51 2.36
CA VAL B 146 -11.28 -0.35 1.10
C VAL B 146 -10.69 -1.66 0.58
N SER B 147 -10.84 -1.91 -0.72
CA SER B 147 -10.23 -3.05 -1.37
C SER B 147 -8.71 -2.96 -1.28
N GLN B 148 -8.05 -4.11 -1.22
CA GLN B 148 -6.61 -4.15 -1.04
C GLN B 148 -5.88 -4.89 -2.16
N LEU B 149 -4.63 -4.50 -2.39
CA LEU B 149 -3.76 -5.19 -3.33
C LEU B 149 -2.88 -6.18 -2.58
N VAL B 150 -3.07 -7.47 -2.83
CA VAL B 150 -2.31 -8.50 -2.14
C VAL B 150 -1.53 -9.35 -3.14
N ARG B 151 -0.59 -10.15 -2.63
CA ARG B 151 0.23 -11.01 -3.46
C ARG B 151 -0.62 -12.05 -4.19
N SER B 152 -0.55 -12.06 -5.51
CA SER B 152 -1.29 -13.01 -6.32
C SER B 152 -0.70 -14.41 -6.14
N PRO B 153 -1.48 -15.46 -6.45
CA PRO B 153 -0.98 -16.83 -6.33
C PRO B 153 0.28 -17.11 -7.15
N GLY B 154 1.19 -17.89 -6.59
CA GLY B 154 2.43 -18.25 -7.27
C GLY B 154 3.47 -18.74 -6.28
N VAL B 155 4.65 -19.04 -6.79
CA VAL B 155 5.78 -19.43 -5.94
C VAL B 155 6.93 -18.44 -6.11
N TYR B 156 7.32 -17.79 -5.02
CA TYR B 156 8.25 -16.67 -5.09
C TYR B 156 9.54 -16.89 -4.32
N PHE B 157 10.66 -16.83 -5.03
CA PHE B 157 11.98 -16.98 -4.42
C PHE B 157 12.63 -15.62 -4.24
N ASP B 158 13.40 -15.46 -3.16
CA ASP B 158 14.08 -14.20 -2.90
C ASP B 158 15.47 -14.41 -2.31
N GLU B 159 16.16 -13.29 -2.08
CA GLU B 159 17.51 -13.32 -1.52
C GLU B 159 17.75 -12.12 -0.61
N THR B 160 18.32 -12.38 0.57
CA THR B 160 18.66 -11.32 1.50
C THR B 160 20.04 -11.52 2.08
N ILE B 161 20.49 -10.57 2.88
CA ILE B 161 21.74 -10.71 3.62
C ILE B 161 21.41 -10.67 5.10
N ASP B 162 21.98 -11.61 5.86
CA ASP B 162 21.74 -11.64 7.30
C ASP B 162 22.27 -10.37 7.95
N LYS B 163 21.48 -9.81 8.87
CA LYS B 163 21.83 -8.59 9.57
C LYS B 163 23.14 -8.75 10.35
N SER B 164 23.35 -9.95 10.89
CA SER B 164 24.52 -10.25 11.71
C SER B 164 25.78 -10.65 10.91
N THR B 165 25.84 -11.91 10.54
CA THR B 165 27.02 -12.50 9.90
C THR B 165 27.19 -12.10 8.44
N ASP B 166 26.17 -11.44 7.89
CA ASP B 166 26.18 -10.99 6.51
C ASP B 166 26.36 -12.11 5.49
N LYS B 167 25.79 -13.27 5.80
CA LYS B 167 25.76 -14.38 4.86
C LYS B 167 24.57 -14.19 3.91
N THR B 168 24.67 -14.76 2.71
CA THR B 168 23.58 -14.66 1.75
C THR B 168 22.52 -15.72 2.02
N LEU B 169 21.28 -15.29 2.22
CA LEU B 169 20.19 -16.19 2.56
C LEU B 169 19.13 -16.22 1.47
N HIS B 170 18.53 -17.39 1.27
CA HIS B 170 17.45 -17.54 0.30
C HIS B 170 16.20 -18.10 0.98
N SER B 171 15.04 -17.63 0.53
CA SER B 171 13.76 -18.12 1.04
C SER B 171 12.77 -18.25 -0.11
N VAL B 172 11.67 -18.94 0.15
CA VAL B 172 10.64 -19.14 -0.87
C VAL B 172 9.25 -19.25 -0.24
N LYS B 173 8.26 -18.66 -0.90
CA LYS B 173 6.88 -18.72 -0.44
C LYS B 173 5.97 -19.34 -1.48
N VAL B 174 5.23 -20.37 -1.09
CA VAL B 174 4.17 -20.89 -1.94
C VAL B 174 2.85 -20.25 -1.51
N ILE B 175 2.37 -19.33 -2.33
CA ILE B 175 1.18 -18.55 -1.99
C ILE B 175 -0.01 -18.99 -2.85
N PRO B 176 -1.00 -19.62 -2.23
CA PRO B 176 -2.17 -20.08 -2.98
C PRO B 176 -3.20 -18.96 -3.11
N SER B 177 -4.28 -19.23 -3.83
CA SER B 177 -5.40 -18.31 -3.89
C SER B 177 -6.21 -18.45 -2.60
N ARG B 178 -6.06 -19.59 -1.95
CA ARG B 178 -6.89 -19.95 -0.81
C ARG B 178 -6.26 -21.11 -0.06
N GLY B 179 -6.00 -20.92 1.23
CA GLY B 179 -5.42 -21.97 2.06
C GLY B 179 -4.15 -21.56 2.76
N ALA B 180 -3.43 -22.56 3.27
CA ALA B 180 -2.24 -22.31 4.10
C ALA B 180 -1.00 -21.96 3.28
N TRP B 181 -0.11 -21.17 3.89
CA TRP B 181 1.17 -20.84 3.27
C TRP B 181 2.20 -21.93 3.53
N LEU B 182 3.12 -22.08 2.59
CA LEU B 182 4.24 -23.02 2.73
C LEU B 182 5.53 -22.28 2.42
N GLU B 183 6.41 -22.19 3.41
CA GLU B 183 7.63 -21.40 3.26
C GLU B 183 8.87 -22.22 3.58
N PHE B 184 9.88 -22.12 2.71
CA PHE B 184 11.17 -22.73 2.97
C PHE B 184 12.25 -21.65 3.00
N ASP B 185 13.35 -21.94 3.67
CA ASP B 185 14.46 -20.99 3.76
C ASP B 185 15.77 -21.66 4.15
N VAL B 186 16.87 -21.07 3.70
CA VAL B 186 18.19 -21.45 4.18
C VAL B 186 18.61 -20.37 5.17
N ASP B 187 19.05 -20.80 6.35
CA ASP B 187 19.42 -19.83 7.39
C ASP B 187 20.94 -19.75 7.60
N LYS B 188 21.33 -18.89 8.54
CA LYS B 188 22.72 -18.59 8.80
C LYS B 188 23.48 -19.73 9.48
N ARG B 189 22.73 -20.74 9.95
CA ARG B 189 23.35 -21.91 10.57
C ARG B 189 23.43 -23.05 9.56
N ASP B 190 23.29 -22.72 8.29
CA ASP B 190 23.42 -23.65 7.18
C ASP B 190 22.41 -24.80 7.25
N THR B 191 21.19 -24.49 7.65
CA THR B 191 20.12 -25.48 7.68
C THR B 191 19.00 -25.08 6.73
N VAL B 192 18.27 -26.07 6.22
CA VAL B 192 17.13 -25.81 5.37
C VAL B 192 15.86 -26.08 6.18
N GLY B 193 15.00 -25.06 6.27
CA GLY B 193 13.83 -25.16 7.10
C GLY B 193 12.50 -25.05 6.37
N VAL B 194 11.44 -25.51 7.02
CA VAL B 194 10.09 -25.36 6.48
C VAL B 194 9.17 -24.71 7.53
N ARG B 195 8.38 -23.74 7.09
CA ARG B 195 7.33 -23.18 7.93
C ARG B 195 5.97 -23.53 7.33
N ILE B 196 5.17 -24.26 8.09
CA ILE B 196 3.86 -24.69 7.61
C ILE B 196 2.75 -23.85 8.25
N ASP B 197 1.96 -23.19 7.41
CA ASP B 197 0.86 -22.34 7.85
C ASP B 197 1.32 -21.27 8.84
N ARG B 198 2.49 -20.69 8.57
CA ARG B 198 3.09 -19.65 9.40
C ARG B 198 3.47 -20.11 10.80
N LYS B 199 3.54 -21.42 11.02
CA LYS B 199 3.94 -21.94 12.32
C LYS B 199 5.46 -21.92 12.47
N ARG B 200 5.95 -22.49 13.56
CA ARG B 200 7.37 -22.46 13.86
C ARG B 200 8.22 -23.23 12.86
N ARG B 201 9.51 -22.93 12.83
CA ARG B 201 10.42 -23.52 11.84
C ARG B 201 10.82 -24.96 12.20
N GLN B 202 10.88 -25.81 11.19
CA GLN B 202 11.34 -27.19 11.34
C GLN B 202 12.34 -27.49 10.23
N PRO B 203 13.24 -28.47 10.44
CA PRO B 203 14.11 -28.90 9.33
C PRO B 203 13.27 -29.46 8.19
N VAL B 204 13.64 -29.13 6.95
CA VAL B 204 12.85 -29.50 5.78
C VAL B 204 12.76 -31.01 5.60
N THR B 205 13.71 -31.74 6.17
CA THR B 205 13.74 -33.19 6.07
C THR B 205 12.59 -33.83 6.84
N VAL B 206 12.05 -33.10 7.81
CA VAL B 206 10.89 -33.56 8.57
C VAL B 206 9.67 -33.67 7.65
N LEU B 207 9.43 -32.62 6.87
CA LEU B 207 8.32 -32.59 5.93
C LEU B 207 8.49 -33.69 4.87
N LEU B 208 9.73 -33.89 4.43
CA LEU B 208 10.03 -34.92 3.45
C LEU B 208 9.63 -36.32 3.96
N LYS B 209 9.99 -36.61 5.22
CA LYS B 209 9.70 -37.90 5.82
C LYS B 209 8.19 -38.07 6.01
N ALA B 210 7.52 -37.01 6.45
CA ALA B 210 6.06 -37.04 6.66
C ALA B 210 5.32 -37.38 5.37
N LEU B 211 5.96 -37.11 4.23
CA LEU B 211 5.38 -37.43 2.93
C LEU B 211 5.74 -38.85 2.49
N GLY B 212 6.55 -39.54 3.28
CA GLY B 212 6.87 -40.94 3.03
C GLY B 212 8.27 -41.20 2.52
N TRP B 213 9.15 -40.20 2.65
CA TRP B 213 10.52 -40.33 2.19
C TRP B 213 11.44 -40.94 3.24
N THR B 214 12.22 -41.94 2.84
CA THR B 214 13.26 -42.49 3.69
C THR B 214 14.51 -41.62 3.57
N SER B 215 15.43 -41.75 4.52
CA SER B 215 16.68 -41.00 4.49
C SER B 215 17.47 -41.33 3.24
N GLU B 216 17.30 -42.55 2.74
CA GLU B 216 17.99 -43.00 1.53
C GLU B 216 17.48 -42.24 0.31
N GLN B 217 16.16 -42.10 0.20
CA GLN B 217 15.56 -41.35 -0.90
C GLN B 217 15.95 -39.87 -0.84
N ILE B 218 16.10 -39.36 0.38
CA ILE B 218 16.46 -37.97 0.59
C ILE B 218 17.88 -37.68 0.08
N VAL B 219 18.81 -38.56 0.39
CA VAL B 219 20.19 -38.39 -0.06
C VAL B 219 20.36 -38.73 -1.54
N GLU B 220 19.49 -39.61 -2.05
CA GLU B 220 19.49 -39.92 -3.47
C GLU B 220 19.11 -38.68 -4.28
N ARG B 221 18.23 -37.87 -3.70
CA ARG B 221 17.68 -36.71 -4.40
C ARG B 221 18.42 -35.41 -4.07
N PHE B 222 18.78 -35.22 -2.80
CA PHE B 222 19.38 -33.96 -2.36
C PHE B 222 20.81 -34.11 -1.87
N GLY B 223 21.44 -35.23 -2.19
CA GLY B 223 22.79 -35.51 -1.74
C GLY B 223 23.83 -34.53 -2.24
N PHE B 224 23.53 -33.84 -3.35
CA PHE B 224 24.45 -32.89 -3.94
C PHE B 224 24.71 -31.69 -3.05
N SER B 225 23.74 -31.41 -2.17
CA SER B 225 23.83 -30.30 -1.23
C SER B 225 24.34 -30.80 0.12
N GLU B 226 25.31 -30.07 0.69
CA GLU B 226 25.83 -30.42 2.01
C GLU B 226 24.96 -29.90 3.14
N ILE B 227 24.29 -28.77 2.91
CA ILE B 227 23.34 -28.24 3.89
C ILE B 227 22.10 -29.13 4.01
N MET B 228 21.79 -29.86 2.95
CA MET B 228 20.70 -30.83 2.98
C MET B 228 21.16 -32.11 3.69
N ARG B 229 22.44 -32.42 3.53
CA ARG B 229 23.02 -33.58 4.23
C ARG B 229 23.25 -33.27 5.70
N SER B 230 23.58 -32.02 6.00
CA SER B 230 23.79 -31.60 7.38
C SER B 230 22.45 -31.43 8.10
N THR B 231 21.46 -30.89 7.39
CA THR B 231 20.12 -30.74 7.93
C THR B 231 19.55 -32.10 8.31
N LEU B 232 19.81 -33.09 7.46
CA LEU B 232 19.35 -34.45 7.68
C LEU B 232 19.98 -35.06 8.95
N GLU B 233 21.22 -34.67 9.24
CA GLU B 233 21.93 -35.19 10.41
C GLU B 233 21.44 -34.54 11.69
N LYS B 234 21.29 -33.22 11.66
CA LYS B 234 20.84 -32.47 12.83
C LYS B 234 19.33 -32.55 13.02
N ASP B 235 18.66 -33.21 12.07
CA ASP B 235 17.24 -33.53 12.17
C ASP B 235 17.07 -34.70 13.14
N ASN B 236 16.22 -34.51 14.14
CA ASN B 236 16.08 -35.47 15.24
C ASN B 236 14.98 -36.52 15.06
N THR B 237 14.20 -36.41 13.99
CA THR B 237 13.12 -37.38 13.77
C THR B 237 13.66 -38.65 13.13
N VAL B 238 13.11 -39.79 13.52
CA VAL B 238 13.49 -41.07 12.92
C VAL B 238 12.27 -41.81 12.35
N GLY B 239 12.03 -41.61 11.06
CA GLY B 239 10.94 -42.30 10.38
C GLY B 239 9.79 -41.40 10.01
N THR B 240 8.89 -41.91 9.17
CA THR B 240 7.74 -41.18 8.69
C THR B 240 6.78 -40.81 9.83
N ASP B 241 6.52 -41.78 10.71
CA ASP B 241 5.58 -41.59 11.81
C ASP B 241 6.02 -40.48 12.78
N GLU B 242 7.30 -40.45 13.11
CA GLU B 242 7.82 -39.45 14.03
C GLU B 242 7.78 -38.04 13.45
N ALA B 243 7.99 -37.95 12.14
CA ALA B 243 7.96 -36.65 11.46
C ALA B 243 6.54 -36.10 11.41
N LEU B 244 5.58 -36.97 11.15
CA LEU B 244 4.18 -36.59 11.08
C LEU B 244 3.68 -36.02 12.41
N LEU B 245 4.18 -36.58 13.51
CA LEU B 245 3.78 -36.15 14.85
C LEU B 245 4.47 -34.85 15.24
N ASP B 246 5.67 -34.60 14.71
CA ASP B 246 6.36 -33.36 14.99
C ASP B 246 5.62 -32.19 14.33
N ILE B 247 5.09 -32.45 13.14
CA ILE B 247 4.29 -31.46 12.42
C ILE B 247 3.00 -31.17 13.19
N TYR B 248 2.39 -32.22 13.72
CA TYR B 248 1.15 -32.08 14.49
C TYR B 248 1.37 -31.22 15.73
N ARG B 249 2.49 -31.44 16.41
CA ARG B 249 2.82 -30.68 17.62
C ARG B 249 3.13 -29.21 17.32
N LYS B 250 3.66 -28.94 16.13
CA LYS B 250 3.97 -27.57 15.73
C LYS B 250 2.70 -26.81 15.34
N LEU B 251 1.74 -27.55 14.78
CA LEU B 251 0.52 -26.93 14.27
C LEU B 251 -0.61 -26.95 15.30
N ARG B 252 -0.67 -28.00 16.10
CA ARG B 252 -1.70 -28.11 17.14
C ARG B 252 -1.08 -28.41 18.50
N PRO B 253 -0.39 -27.42 19.09
CA PRO B 253 0.25 -27.62 20.39
C PRO B 253 -0.77 -27.87 21.50
N GLY B 254 -0.44 -28.79 22.40
CA GLY B 254 -1.31 -29.10 23.53
C GLY B 254 -2.35 -30.15 23.21
N GLU B 255 -2.54 -30.43 21.93
CA GLU B 255 -3.54 -31.40 21.48
C GLU B 255 -2.91 -32.78 21.29
N PRO B 256 -3.65 -33.84 21.67
CA PRO B 256 -3.15 -35.23 21.60
C PRO B 256 -2.93 -35.72 20.15
N PRO B 257 -1.67 -36.01 19.81
CA PRO B 257 -1.29 -36.43 18.45
C PRO B 257 -1.50 -37.92 18.21
N THR B 258 -1.96 -38.26 17.01
CA THR B 258 -1.97 -39.63 16.53
C THR B 258 -1.37 -39.65 15.13
N LYS B 259 -0.96 -40.81 14.67
CA LYS B 259 -0.41 -40.95 13.33
C LYS B 259 -1.47 -40.65 12.27
N GLU B 260 -2.70 -41.05 12.54
CA GLU B 260 -3.79 -40.93 11.59
C GLU B 260 -4.27 -39.49 11.41
N SER B 261 -4.43 -38.77 12.52
CA SER B 261 -4.93 -37.40 12.46
C SER B 261 -3.89 -36.44 11.90
N ALA B 262 -2.62 -36.70 12.20
CA ALA B 262 -1.53 -35.89 11.64
C ALA B 262 -1.46 -36.10 10.14
N GLN B 263 -1.69 -37.34 9.73
CA GLN B 263 -1.69 -37.70 8.31
C GLN B 263 -2.85 -37.02 7.59
N THR B 264 -4.01 -36.98 8.25
CA THR B 264 -5.18 -36.31 7.72
C THR B 264 -4.96 -34.80 7.67
N LEU B 265 -4.26 -34.29 8.67
CA LEU B 265 -3.95 -32.86 8.78
C LEU B 265 -3.10 -32.39 7.61
N LEU B 266 -2.02 -33.12 7.34
CA LEU B 266 -1.09 -32.75 6.27
C LEU B 266 -1.74 -32.87 4.90
N GLU B 267 -2.62 -33.85 4.73
CA GLU B 267 -3.34 -34.04 3.47
C GLU B 267 -4.28 -32.88 3.21
N ASN B 268 -4.99 -32.43 4.24
CA ASN B 268 -5.97 -31.37 4.10
C ASN B 268 -5.37 -29.96 4.04
N LEU B 269 -4.09 -29.84 4.34
CA LEU B 269 -3.42 -28.56 4.28
C LEU B 269 -3.13 -28.11 2.85
N PHE B 270 -2.66 -29.04 2.02
CA PHE B 270 -2.17 -28.69 0.69
C PHE B 270 -2.73 -29.54 -0.45
N PHE B 271 -3.16 -30.75 -0.15
CA PHE B 271 -3.44 -31.72 -1.21
C PHE B 271 -4.92 -32.01 -1.44
N LYS B 272 -5.80 -31.29 -0.75
CA LYS B 272 -7.22 -31.44 -0.95
C LYS B 272 -7.88 -30.13 -1.37
N GLU B 273 -8.74 -30.22 -2.38
CA GLU B 273 -9.36 -29.04 -2.99
C GLU B 273 -10.24 -28.27 -2.00
N LYS B 274 -10.64 -28.95 -0.93
CA LYS B 274 -11.55 -28.38 0.05
C LYS B 274 -11.01 -27.13 0.73
N ARG B 275 -9.79 -27.21 1.26
CA ARG B 275 -9.21 -26.09 2.00
C ARG B 275 -7.95 -25.55 1.36
N TYR B 276 -7.67 -25.97 0.13
CA TYR B 276 -6.51 -25.47 -0.59
C TYR B 276 -6.80 -25.29 -2.07
N ASP B 277 -6.38 -24.15 -2.60
CA ASP B 277 -6.61 -23.83 -4.00
C ASP B 277 -5.55 -22.86 -4.50
N LEU B 278 -4.77 -23.29 -5.48
CA LEU B 278 -3.81 -22.41 -6.13
C LEU B 278 -4.53 -21.58 -7.18
N ALA B 279 -5.72 -22.05 -7.57
CA ALA B 279 -6.47 -21.54 -8.71
C ALA B 279 -5.69 -21.74 -10.01
N ARG B 280 -6.32 -21.42 -11.14
CA ARG B 280 -5.70 -21.61 -12.44
C ARG B 280 -4.41 -20.80 -12.58
N VAL B 281 -4.43 -19.56 -12.11
CA VAL B 281 -3.28 -18.67 -12.22
C VAL B 281 -2.09 -19.15 -11.40
N GLY B 282 -2.34 -19.65 -10.20
CA GLY B 282 -1.30 -20.15 -9.33
C GLY B 282 -0.70 -21.45 -9.86
N ARG B 283 -1.57 -22.35 -10.30
CA ARG B 283 -1.14 -23.64 -10.81
C ARG B 283 -0.29 -23.48 -12.07
N TYR B 284 -0.68 -22.54 -12.92
CA TYR B 284 0.07 -22.25 -14.13
C TYR B 284 1.45 -21.68 -13.80
N LYS B 285 1.49 -20.74 -12.87
CA LYS B 285 2.74 -20.07 -12.53
C LYS B 285 3.71 -21.00 -11.79
N VAL B 286 3.17 -21.95 -11.04
CA VAL B 286 4.00 -22.94 -10.37
C VAL B 286 4.59 -23.94 -11.36
N ASN B 287 3.75 -24.45 -12.25
CA ASN B 287 4.20 -25.32 -13.34
C ASN B 287 5.28 -24.64 -14.16
N LYS B 288 5.01 -23.39 -14.53
CA LYS B 288 5.93 -22.60 -15.35
C LYS B 288 7.28 -22.42 -14.67
N LYS B 289 7.23 -22.00 -13.40
CA LYS B 289 8.44 -21.69 -12.65
C LYS B 289 9.31 -22.92 -12.41
N LEU B 290 8.67 -24.07 -12.19
CA LEU B 290 9.39 -25.28 -11.82
C LEU B 290 9.51 -26.28 -12.98
N GLY B 291 8.82 -25.99 -14.09
CA GLY B 291 8.91 -26.83 -15.26
C GLY B 291 8.12 -28.12 -15.16
N LEU B 292 6.91 -28.04 -14.60
CA LEU B 292 6.08 -29.22 -14.41
C LEU B 292 4.91 -29.21 -15.39
N HIS B 293 4.26 -30.37 -15.53
CA HIS B 293 3.08 -30.53 -16.38
C HIS B 293 3.34 -30.01 -17.80
N VAL B 294 4.48 -30.40 -18.36
CA VAL B 294 5.02 -29.80 -19.58
C VAL B 294 4.07 -29.81 -20.78
N GLY B 295 3.13 -30.76 -20.82
CA GLY B 295 2.18 -30.85 -21.90
C GLY B 295 0.76 -31.07 -21.40
N GLU B 296 0.54 -30.76 -20.12
CA GLU B 296 -0.74 -30.99 -19.48
C GLU B 296 -1.52 -29.70 -19.33
N PRO B 297 -2.87 -29.79 -19.37
CA PRO B 297 -3.72 -28.65 -19.07
C PRO B 297 -3.88 -28.48 -17.56
N ILE B 298 -4.53 -27.41 -17.13
CA ILE B 298 -4.76 -27.17 -15.71
C ILE B 298 -6.07 -27.81 -15.26
N THR B 299 -5.99 -28.86 -14.46
CA THR B 299 -7.17 -29.52 -13.94
C THR B 299 -7.29 -29.38 -12.42
N SER B 300 -6.38 -30.04 -11.70
CA SER B 300 -6.36 -29.91 -10.25
C SER B 300 -5.56 -28.68 -9.85
N SER B 301 -6.02 -27.98 -8.81
CA SER B 301 -5.37 -26.76 -8.37
C SER B 301 -4.80 -26.90 -6.97
N THR B 302 -4.69 -28.14 -6.49
CA THR B 302 -4.04 -28.38 -5.22
C THR B 302 -2.55 -28.53 -5.44
N LEU B 303 -1.79 -28.50 -4.36
CA LEU B 303 -0.36 -28.77 -4.41
C LEU B 303 -0.18 -30.27 -4.65
N THR B 304 0.98 -30.66 -5.15
CA THR B 304 1.30 -32.07 -5.26
C THR B 304 2.60 -32.34 -4.50
N GLU B 305 2.93 -33.61 -4.33
CA GLU B 305 4.18 -33.98 -3.69
C GLU B 305 5.35 -33.50 -4.54
N GLU B 306 5.13 -33.47 -5.86
CA GLU B 306 6.14 -33.02 -6.81
C GLU B 306 6.47 -31.54 -6.62
N ASP B 307 5.44 -30.73 -6.41
CA ASP B 307 5.63 -29.29 -6.20
C ASP B 307 6.49 -29.02 -4.99
N VAL B 308 6.21 -29.72 -3.90
CA VAL B 308 6.97 -29.57 -2.67
C VAL B 308 8.44 -29.91 -2.87
N VAL B 309 8.69 -31.10 -3.42
CA VAL B 309 10.06 -31.55 -3.66
C VAL B 309 10.80 -30.64 -4.65
N ALA B 310 10.11 -30.23 -5.70
CA ALA B 310 10.70 -29.35 -6.71
C ALA B 310 11.08 -28.00 -6.12
N THR B 311 10.22 -27.46 -5.27
CA THR B 311 10.44 -26.15 -4.65
C THR B 311 11.67 -26.16 -3.74
N ILE B 312 11.82 -27.24 -2.98
CA ILE B 312 12.97 -27.39 -2.09
C ILE B 312 14.26 -27.51 -2.89
N GLU B 313 14.21 -28.31 -3.96
CA GLU B 313 15.36 -28.47 -4.83
C GLU B 313 15.75 -27.13 -5.47
N TYR B 314 14.75 -26.40 -5.95
CA TYR B 314 14.96 -25.10 -6.57
C TYR B 314 15.66 -24.15 -5.61
N LEU B 315 15.16 -24.10 -4.38
CA LEU B 315 15.72 -23.23 -3.34
C LEU B 315 17.19 -23.59 -3.05
N VAL B 316 17.46 -24.88 -2.95
CA VAL B 316 18.80 -25.36 -2.61
C VAL B 316 19.81 -25.10 -3.73
N ARG B 317 19.41 -25.38 -4.97
CA ARG B 317 20.27 -25.10 -6.11
C ARG B 317 20.49 -23.59 -6.27
N LEU B 318 19.46 -22.83 -5.91
CA LEU B 318 19.55 -21.37 -5.94
C LEU B 318 20.57 -20.90 -4.90
N HIS B 319 20.66 -21.62 -3.79
CA HIS B 319 21.58 -21.27 -2.72
C HIS B 319 23.03 -21.58 -3.07
N GLU B 320 23.24 -22.70 -3.76
CA GLU B 320 24.60 -23.10 -4.15
C GLU B 320 25.13 -22.34 -5.35
N GLY B 321 24.25 -21.59 -6.01
CA GLY B 321 24.66 -20.73 -7.11
C GLY B 321 24.47 -21.32 -8.49
N GLN B 322 23.66 -22.36 -8.59
CA GLN B 322 23.34 -22.96 -9.89
C GLN B 322 22.31 -22.09 -10.60
N THR B 323 22.24 -22.22 -11.93
CA THR B 323 21.39 -21.33 -12.72
C THR B 323 20.29 -22.07 -13.48
N THR B 324 20.41 -23.39 -13.56
CA THR B 324 19.36 -24.21 -14.18
C THR B 324 19.06 -25.43 -13.32
N MET B 325 17.94 -26.09 -13.62
CA MET B 325 17.59 -27.35 -12.96
C MET B 325 16.54 -28.09 -13.76
N THR B 326 16.50 -29.41 -13.58
CA THR B 326 15.53 -30.24 -14.28
C THR B 326 15.00 -31.32 -13.34
N VAL B 327 13.73 -31.24 -12.98
CA VAL B 327 13.11 -32.27 -12.15
C VAL B 327 12.78 -33.48 -13.03
N PRO B 328 12.72 -34.67 -12.42
CA PRO B 328 12.34 -35.90 -13.13
C PRO B 328 11.04 -35.75 -13.91
N GLY B 329 11.11 -35.91 -15.22
CA GLY B 329 9.94 -35.79 -16.08
C GLY B 329 9.56 -34.37 -16.42
N GLY B 330 10.42 -33.42 -16.02
CA GLY B 330 10.18 -32.02 -16.30
C GLY B 330 11.19 -31.44 -17.27
N VAL B 331 10.97 -30.19 -17.68
CA VAL B 331 11.91 -29.52 -18.58
C VAL B 331 12.90 -28.68 -17.78
N GLU B 332 13.98 -28.28 -18.44
CA GLU B 332 15.00 -27.48 -17.79
C GLU B 332 14.56 -26.02 -17.66
N VAL B 333 14.63 -25.49 -16.46
CA VAL B 333 14.19 -24.11 -16.20
C VAL B 333 15.34 -23.32 -15.59
N PRO B 334 15.31 -21.99 -15.75
CA PRO B 334 16.35 -21.20 -15.09
C PRO B 334 16.12 -21.13 -13.59
N VAL B 335 17.20 -21.22 -12.81
CA VAL B 335 17.11 -21.07 -11.37
C VAL B 335 17.54 -19.67 -10.98
N GLU B 336 16.58 -18.85 -10.58
CA GLU B 336 16.85 -17.46 -10.25
C GLU B 336 15.79 -16.95 -9.28
N THR B 337 16.12 -15.87 -8.59
CA THR B 337 15.16 -15.24 -7.69
C THR B 337 14.02 -14.62 -8.48
N ASP B 338 12.85 -14.53 -7.85
CA ASP B 338 11.72 -13.84 -8.46
C ASP B 338 11.67 -12.41 -7.96
N ASP B 339 12.85 -11.80 -7.87
CA ASP B 339 13.03 -10.45 -7.32
C ASP B 339 12.00 -9.45 -7.82
N ILE B 340 11.52 -9.67 -9.05
CA ILE B 340 10.44 -8.87 -9.61
C ILE B 340 9.11 -9.24 -8.94
N ASP B 341 9.05 -9.08 -7.62
CA ASP B 341 7.82 -9.30 -6.87
C ASP B 341 7.01 -8.01 -6.83
N HIS B 342 6.76 -7.45 -8.01
CA HIS B 342 6.00 -6.21 -8.13
C HIS B 342 5.38 -6.13 -9.52
N PHE B 343 4.20 -5.53 -9.61
CA PHE B 343 3.49 -5.34 -10.87
C PHE B 343 3.21 -6.64 -11.62
N GLY B 344 1.99 -7.15 -11.49
CA GLY B 344 1.60 -8.39 -12.12
C GLY B 344 1.52 -9.51 -11.11
N ASN B 345 2.37 -9.46 -10.10
CA ASN B 345 2.35 -10.43 -9.02
C ASN B 345 1.45 -9.98 -7.87
N ARG B 346 0.53 -9.07 -8.16
CA ARG B 346 -0.44 -8.64 -7.16
C ARG B 346 -1.87 -8.68 -7.72
N ARG B 347 -2.83 -8.90 -6.84
CA ARG B 347 -4.23 -8.95 -7.24
C ARG B 347 -5.09 -8.12 -6.29
N LEU B 348 -6.34 -7.90 -6.67
CA LEU B 348 -7.23 -7.03 -5.93
C LEU B 348 -8.25 -7.82 -5.11
N ARG B 349 -8.21 -7.66 -3.79
CA ARG B 349 -9.19 -8.29 -2.92
C ARG B 349 -10.30 -7.32 -2.56
N THR B 350 -11.52 -7.64 -3.01
CA THR B 350 -12.68 -6.81 -2.74
C THR B 350 -13.05 -6.81 -1.26
N VAL B 351 -14.01 -5.97 -0.89
CA VAL B 351 -14.48 -5.88 0.49
C VAL B 351 -15.00 -7.22 1.00
N GLY B 352 -15.85 -7.86 0.20
CA GLY B 352 -16.41 -9.16 0.57
C GLY B 352 -15.35 -10.22 0.83
N GLU B 353 -14.31 -10.23 0.00
CA GLU B 353 -13.22 -11.19 0.15
C GLU B 353 -12.38 -10.91 1.40
N LEU B 354 -12.23 -9.64 1.74
CA LEU B 354 -11.48 -9.26 2.93
C LEU B 354 -12.19 -9.71 4.21
N ILE B 355 -13.50 -9.50 4.25
CA ILE B 355 -14.30 -9.93 5.38
C ILE B 355 -14.32 -11.44 5.47
N GLN B 356 -14.45 -12.10 4.32
CA GLN B 356 -14.43 -13.56 4.26
C GLN B 356 -13.17 -14.11 4.90
N ASN B 357 -12.04 -13.48 4.61
CA ASN B 357 -10.75 -13.92 5.15
C ASN B 357 -10.66 -13.79 6.67
N GLN B 358 -11.19 -12.71 7.22
CA GLN B 358 -11.21 -12.53 8.66
C GLN B 358 -12.14 -13.54 9.32
N ILE B 359 -13.20 -13.92 8.60
CA ILE B 359 -14.12 -14.95 9.07
C ILE B 359 -13.39 -16.28 9.23
N ARG B 360 -12.59 -16.63 8.22
CA ARG B 360 -11.78 -17.85 8.27
C ARG B 360 -10.91 -17.92 9.51
N VAL B 361 -10.24 -16.82 9.80
CA VAL B 361 -9.34 -16.75 10.95
C VAL B 361 -10.09 -17.00 12.25
N GLY B 362 -11.22 -16.32 12.42
CA GLY B 362 -12.06 -16.52 13.58
C GLY B 362 -12.59 -17.94 13.65
N MET B 363 -13.00 -18.47 12.49
CA MET B 363 -13.52 -19.82 12.39
C MET B 363 -12.50 -20.87 12.81
N SER B 364 -11.23 -20.64 12.46
CA SER B 364 -10.17 -21.60 12.76
C SER B 364 -9.88 -21.67 14.25
N ARG B 365 -10.08 -20.56 14.94
CA ARG B 365 -9.91 -20.51 16.38
C ARG B 365 -11.11 -21.17 17.05
N MET B 366 -12.28 -21.00 16.44
CA MET B 366 -13.49 -21.68 16.90
C MET B 366 -13.36 -23.18 16.66
N GLU B 367 -12.71 -23.53 15.56
CA GLU B 367 -12.51 -24.92 15.18
C GLU B 367 -11.60 -25.65 16.17
N ARG B 368 -10.62 -24.91 16.70
CA ARG B 368 -9.70 -25.46 17.68
C ARG B 368 -10.41 -25.79 18.99
N VAL B 369 -11.33 -24.91 19.38
CA VAL B 369 -12.10 -25.10 20.61
C VAL B 369 -13.04 -26.30 20.50
N VAL B 370 -13.60 -26.50 19.31
CA VAL B 370 -14.46 -27.67 19.07
C VAL B 370 -13.70 -28.97 19.29
N ARG B 371 -12.53 -29.09 18.67
CA ARG B 371 -11.70 -30.29 18.80
C ARG B 371 -11.37 -30.59 20.26
N GLU B 372 -11.02 -29.55 21.00
CA GLU B 372 -10.61 -29.70 22.39
C GLU B 372 -11.78 -29.98 23.32
N ARG B 373 -12.97 -29.50 22.95
CA ARG B 373 -14.17 -29.80 23.73
C ARG B 373 -14.70 -31.19 23.41
N MET B 374 -14.26 -31.75 22.29
CA MET B 374 -14.64 -33.11 21.92
C MET B 374 -13.90 -34.13 22.76
N THR B 375 -12.80 -33.71 23.38
CA THR B 375 -11.97 -34.62 24.16
C THR B 375 -12.24 -34.51 25.67
N THR B 376 -13.01 -33.50 26.06
CA THR B 376 -13.29 -33.30 27.49
C THR B 376 -14.76 -33.37 27.87
N GLN B 377 -15.65 -33.38 26.87
CA GLN B 377 -17.08 -33.46 27.14
C GLN B 377 -17.62 -34.88 27.02
N ASP B 378 -18.72 -35.15 27.71
CA ASP B 378 -19.35 -36.47 27.68
C ASP B 378 -20.13 -36.64 26.38
N VAL B 379 -19.79 -37.71 25.65
CA VAL B 379 -20.28 -37.91 24.28
C VAL B 379 -21.80 -37.97 24.14
N GLU B 380 -22.50 -38.16 25.25
CA GLU B 380 -23.95 -38.23 25.22
C GLU B 380 -24.56 -36.87 25.53
N ALA B 381 -23.77 -36.00 26.15
CA ALA B 381 -24.20 -34.64 26.45
C ALA B 381 -23.76 -33.68 25.36
N ILE B 382 -22.90 -34.17 24.46
CA ILE B 382 -22.36 -33.33 23.39
C ILE B 382 -23.42 -32.97 22.35
N THR B 383 -23.67 -31.68 22.21
CA THR B 383 -24.46 -31.13 21.12
C THR B 383 -23.61 -30.06 20.46
N PRO B 384 -23.99 -29.63 19.24
CA PRO B 384 -23.31 -28.49 18.62
C PRO B 384 -23.16 -27.29 19.55
N GLN B 385 -24.21 -26.95 20.29
CA GLN B 385 -24.17 -25.80 21.19
C GLN B 385 -23.12 -25.93 22.29
N THR B 386 -22.86 -27.16 22.74
CA THR B 386 -21.86 -27.40 23.77
C THR B 386 -20.45 -27.35 23.19
N LEU B 387 -20.35 -27.56 21.88
CA LEU B 387 -19.05 -27.60 21.20
C LEU B 387 -18.62 -26.23 20.68
N ILE B 388 -19.60 -25.39 20.35
CA ILE B 388 -19.32 -24.17 19.61
C ILE B 388 -19.21 -22.91 20.48
N ASN B 389 -18.01 -22.33 20.49
CA ASN B 389 -17.79 -21.02 21.10
C ASN B 389 -17.63 -19.97 19.99
N ILE B 390 -18.58 -19.04 19.93
CA ILE B 390 -18.63 -18.09 18.83
C ILE B 390 -17.80 -16.83 19.10
N ARG B 391 -17.24 -16.73 20.30
CA ARG B 391 -16.40 -15.59 20.68
C ARG B 391 -15.25 -15.28 19.70
N PRO B 392 -14.49 -16.31 19.27
CA PRO B 392 -13.42 -16.02 18.31
C PRO B 392 -13.92 -15.42 16.99
N VAL B 393 -15.17 -15.72 16.63
CA VAL B 393 -15.73 -15.20 15.39
C VAL B 393 -16.18 -13.74 15.55
N VAL B 394 -16.76 -13.40 16.69
CA VAL B 394 -17.19 -12.03 16.94
C VAL B 394 -16.01 -11.12 17.25
N ALA B 395 -14.94 -11.71 17.77
CA ALA B 395 -13.73 -10.97 18.09
C ALA B 395 -12.96 -10.63 16.82
N ALA B 396 -13.03 -11.53 15.84
CA ALA B 396 -12.34 -11.34 14.56
C ALA B 396 -13.01 -10.25 13.73
N ILE B 397 -14.34 -10.21 13.78
CA ILE B 397 -15.11 -9.19 13.10
C ILE B 397 -14.92 -7.82 13.77
N LYS B 398 -14.93 -7.84 15.09
CA LYS B 398 -14.67 -6.64 15.90
C LYS B 398 -13.31 -6.05 15.52
N GLU B 399 -12.32 -6.92 15.43
CA GLU B 399 -10.96 -6.52 15.12
C GLU B 399 -10.85 -5.92 13.71
N PHE B 400 -11.68 -6.43 12.80
CA PHE B 400 -11.69 -5.98 11.42
C PHE B 400 -12.15 -4.53 11.29
N PHE B 401 -13.14 -4.15 12.10
CA PHE B 401 -13.69 -2.80 12.06
C PHE B 401 -13.13 -1.89 13.15
#